data_3OPQ
#
_entry.id   3OPQ
#
_cell.length_a   88.590
_cell.length_b   96.670
_cell.length_c   128.480
_cell.angle_alpha   90.00
_cell.angle_beta   90.00
_cell.angle_gamma   90.00
#
_symmetry.space_group_name_H-M   'P 21 21 21'
#
loop_
_entity.id
_entity.type
_entity.pdbx_description
1 polymer 'Phosphoribosylaminoimidazole carboxylase,catalytic subunit'
2 non-polymer 'PHOSPHATE ION'
3 non-polymer 'FORMIC ACID'
4 non-polymer 'CHLORIDE ION'
5 non-polymer 'FRUCTOSE -6-PHOSPHATE'
6 water water
#
_entity_poly.entity_id   1
_entity_poly.type   'polypeptide(L)'
_entity_poly.pdbx_seq_one_letter_code
;(MSE)SVQVGVI(MSE)GSKSDWST(MSE)KECCDILDNLGIGYECEVVSAHRTPDK(MSE)FDYAETAKERGLKVIIAG
AGGAAHLPG(MSE)VAAKTTLPVLGVPVKSSTLNGQDSLLSIVQ(MSE)PAGIPVATFAIG(MSE)AGAKNAALFAASIL
QHTDINIAKALAEFRAEQTRFVLENPDPREH
;
_entity_poly.pdbx_strand_id   A,B,C,D,E,F,G,H
#
# COMPACT_ATOMS: atom_id res chain seq x y z
N SER A 2 31.45 -26.19 15.97
CA SER A 2 31.49 -26.52 14.50
C SER A 2 30.59 -25.56 13.72
N VAL A 3 31.09 -24.97 12.64
CA VAL A 3 30.37 -23.87 11.95
C VAL A 3 29.38 -24.35 10.85
N GLN A 4 28.10 -24.27 11.15
CA GLN A 4 27.09 -24.80 10.24
C GLN A 4 26.22 -23.73 9.60
N VAL A 5 26.18 -22.57 10.22
CA VAL A 5 25.35 -21.46 9.74
C VAL A 5 26.23 -20.26 9.38
N GLY A 6 26.06 -19.75 8.16
CA GLY A 6 26.66 -18.50 7.74
C GLY A 6 25.63 -17.39 7.86
N VAL A 7 25.94 -16.37 8.66
CA VAL A 7 25.07 -15.22 8.83
C VAL A 7 25.69 -14.03 8.14
N ILE A 8 25.06 -13.55 7.06
CA ILE A 8 25.68 -12.49 6.27
C ILE A 8 24.72 -11.34 6.12
N GLY A 10 24.33 -7.17 4.10
CA GLY A 10 24.81 -6.21 3.10
C GLY A 10 25.78 -5.16 3.62
N SER A 11 25.63 -4.75 4.87
CA SER A 11 26.47 -3.65 5.40
C SER A 11 26.56 -3.69 6.90
N LYS A 12 27.52 -2.96 7.48
CA LYS A 12 27.68 -2.96 8.94
C LYS A 12 26.44 -2.47 9.65
N SER A 13 25.65 -1.62 9.00
CA SER A 13 24.50 -0.98 9.65
C SER A 13 23.38 -1.99 9.89
N ASP A 14 23.41 -3.12 9.16
CA ASP A 14 22.44 -4.20 9.35
C ASP A 14 22.68 -5.00 10.65
N TRP A 15 23.76 -4.72 11.38
CA TRP A 15 24.19 -5.55 12.52
C TRP A 15 23.22 -5.39 13.68
N SER A 16 22.70 -4.19 13.87
CA SER A 16 21.68 -3.96 14.88
C SER A 16 20.52 -4.95 14.77
N THR A 17 20.16 -5.33 13.54
CA THR A 17 19.15 -6.36 13.32
C THR A 17 19.73 -7.78 13.43
N LYS A 19 22.35 -9.07 14.72
CA LYS A 19 22.94 -9.50 16.01
C LYS A 19 21.97 -10.38 16.78
N GLU A 20 20.69 -10.11 16.64
CA GLU A 20 19.63 -10.85 17.33
C GLU A 20 19.51 -12.27 16.82
N CYS A 21 19.80 -12.46 15.53
CA CYS A 21 19.89 -13.79 14.95
C CYS A 21 21.05 -14.57 15.59
N CYS A 22 22.24 -13.98 15.52
CA CYS A 22 23.44 -14.53 16.16
C CYS A 22 23.26 -14.89 17.64
N ASP A 23 22.62 -14.00 18.40
CA ASP A 23 22.40 -14.24 19.83
C ASP A 23 21.60 -15.52 20.10
N ILE A 24 20.65 -15.84 19.22
CA ILE A 24 19.83 -17.04 19.39
C ILE A 24 20.62 -18.27 18.99
N LEU A 25 21.38 -18.20 17.90
CA LEU A 25 22.32 -19.28 17.57
C LEU A 25 23.26 -19.63 18.73
N ASP A 26 23.77 -18.61 19.43
CA ASP A 26 24.63 -18.79 20.63
C ASP A 26 23.89 -19.55 21.71
N ASN A 27 22.69 -19.10 22.00
CA ASN A 27 21.86 -19.73 23.00
C ASN A 27 21.55 -21.18 22.64
N LEU A 28 21.38 -21.47 21.35
CA LEU A 28 21.10 -22.83 20.95
C LEU A 28 22.35 -23.72 20.78
N GLY A 29 23.54 -23.15 20.98
CA GLY A 29 24.78 -23.89 20.88
C GLY A 29 25.11 -24.27 19.46
N ILE A 30 24.73 -23.43 18.51
CA ILE A 30 24.92 -23.68 17.08
C ILE A 30 26.10 -22.83 16.64
N GLY A 31 27.04 -23.47 15.96
CA GLY A 31 28.18 -22.77 15.43
C GLY A 31 27.79 -22.01 14.17
N TYR A 32 28.33 -20.80 14.07
CA TYR A 32 27.99 -19.92 12.96
C TYR A 32 29.13 -18.96 12.76
N GLU A 33 29.11 -18.28 11.63
CA GLU A 33 30.06 -17.21 11.34
C GLU A 33 29.19 -16.05 10.89
N CYS A 34 29.67 -14.82 11.06
CA CYS A 34 28.99 -13.66 10.47
C CYS A 34 29.95 -12.77 9.76
N GLU A 35 29.45 -12.25 8.63
CA GLU A 35 30.28 -11.58 7.65
C GLU A 35 29.45 -10.52 6.90
N VAL A 36 30.00 -9.34 6.72
CA VAL A 36 29.39 -8.37 5.81
C VAL A 36 29.72 -8.78 4.36
N VAL A 37 28.70 -9.07 3.58
CA VAL A 37 28.84 -9.45 2.17
C VAL A 37 27.80 -8.61 1.41
N SER A 38 28.27 -7.65 0.62
CA SER A 38 27.38 -6.72 -0.07
C SER A 38 27.14 -7.22 -1.49
N ALA A 39 25.89 -7.54 -1.80
CA ALA A 39 25.52 -7.91 -3.17
C ALA A 39 25.99 -6.91 -4.19
N HIS A 40 25.87 -5.63 -3.86
CA HIS A 40 26.08 -4.59 -4.85
C HIS A 40 27.47 -4.00 -4.85
N ARG A 41 28.12 -3.95 -3.70
CA ARG A 41 29.45 -3.39 -3.55
C ARG A 41 30.60 -4.43 -3.55
N THR A 42 30.29 -5.68 -3.16
CA THR A 42 31.25 -6.78 -3.23
C THR A 42 30.64 -7.98 -3.96
N PRO A 43 30.16 -7.78 -5.20
CA PRO A 43 29.48 -8.89 -5.91
C PRO A 43 30.36 -10.15 -6.09
N ASP A 44 31.65 -9.97 -6.34
CA ASP A 44 32.55 -11.12 -6.57
C ASP A 44 32.73 -11.92 -5.28
N LYS A 45 32.91 -11.21 -4.18
CA LYS A 45 32.99 -11.86 -2.90
C LYS A 45 31.72 -12.60 -2.57
N PHE A 47 29.58 -13.96 -4.73
CA PHE A 47 29.58 -15.23 -5.52
C PHE A 47 30.52 -16.25 -4.91
N ASP A 48 31.68 -15.80 -4.46
CA ASP A 48 32.62 -16.73 -3.87
C ASP A 48 32.09 -17.36 -2.58
N TYR A 49 31.43 -16.54 -1.78
CA TYR A 49 30.92 -17.00 -0.48
C TYR A 49 29.87 -18.05 -0.72
N ALA A 50 28.96 -17.77 -1.66
CA ALA A 50 27.88 -18.67 -1.92
C ALA A 50 28.47 -19.96 -2.50
N GLU A 51 29.39 -19.84 -3.47
CA GLU A 51 30.00 -21.00 -4.13
C GLU A 51 30.74 -21.96 -3.22
N THR A 52 31.43 -21.42 -2.22
CA THR A 52 32.31 -22.18 -1.35
C THR A 52 31.63 -22.62 -0.05
N ALA A 53 30.37 -22.22 0.17
CA ALA A 53 29.72 -22.46 1.48
C ALA A 53 29.58 -23.93 1.83
N LYS A 54 29.08 -24.72 0.88
CA LYS A 54 28.86 -26.13 1.09
C LYS A 54 30.16 -26.90 1.40
N GLU A 55 31.22 -26.62 0.64
CA GLU A 55 32.50 -27.31 0.83
C GLU A 55 33.15 -26.88 2.15
N ARG A 56 32.80 -25.68 2.63
CA ARG A 56 33.31 -25.22 3.91
C ARG A 56 32.56 -25.83 5.08
N GLY A 57 31.51 -26.60 4.79
CA GLY A 57 30.72 -27.23 5.82
C GLY A 57 29.50 -26.44 6.29
N LEU A 58 29.16 -25.34 5.62
CA LEU A 58 27.96 -24.61 6.02
C LEU A 58 26.77 -25.43 5.58
N LYS A 59 25.69 -25.39 6.36
CA LYS A 59 24.47 -26.17 6.05
C LYS A 59 23.31 -25.24 5.74
N VAL A 60 23.33 -24.05 6.31
CA VAL A 60 22.31 -23.02 6.06
C VAL A 60 22.97 -21.64 5.96
N ILE A 61 22.43 -20.79 5.09
CA ILE A 61 22.84 -19.38 5.01
C ILE A 61 21.64 -18.48 5.34
N ILE A 62 21.88 -17.55 6.26
CA ILE A 62 20.92 -16.52 6.65
C ILE A 62 21.47 -15.18 6.18
N ALA A 63 20.73 -14.51 5.31
CA ALA A 63 21.20 -13.29 4.64
C ALA A 63 20.22 -12.17 4.95
N GLY A 64 20.75 -11.06 5.45
CA GLY A 64 19.94 -9.92 5.76
C GLY A 64 20.25 -8.79 4.81
N ALA A 65 19.22 -8.04 4.41
CA ALA A 65 19.40 -6.88 3.52
C ALA A 65 18.19 -5.97 3.51
N GLY A 66 18.40 -4.71 3.12
CA GLY A 66 17.34 -3.69 3.03
C GLY A 66 17.22 -2.97 1.68
N GLY A 67 16.14 -2.23 1.50
CA GLY A 67 15.86 -1.53 0.25
C GLY A 67 15.58 -2.49 -0.89
N ALA A 68 16.24 -2.26 -2.03
CA ALA A 68 16.35 -3.29 -3.06
C ALA A 68 17.29 -4.37 -2.51
N ALA A 69 16.70 -5.30 -1.76
CA ALA A 69 17.44 -6.36 -1.08
C ALA A 69 17.66 -7.56 -2.01
N HIS A 70 18.85 -7.62 -2.63
CA HIS A 70 19.16 -8.70 -3.60
C HIS A 70 20.07 -9.79 -3.01
N LEU A 71 20.68 -9.52 -1.85
CA LEU A 71 21.63 -10.46 -1.26
C LEU A 71 21.06 -11.88 -1.05
N PRO A 72 19.93 -12.02 -0.35
CA PRO A 72 19.46 -13.41 -0.21
C PRO A 72 19.21 -14.16 -1.55
N GLY A 73 18.61 -13.49 -2.52
CA GLY A 73 18.21 -14.12 -3.80
C GLY A 73 19.45 -14.51 -4.59
N VAL A 75 22.58 -15.08 -3.45
CA VAL A 75 23.25 -16.17 -2.75
C VAL A 75 22.55 -17.49 -3.07
N ALA A 76 21.22 -17.51 -2.99
CA ALA A 76 20.41 -18.71 -3.29
C ALA A 76 20.59 -19.19 -4.73
N ALA A 77 20.86 -18.26 -5.67
CA ALA A 77 21.11 -18.62 -7.08
C ALA A 77 22.42 -19.39 -7.25
N LYS A 78 23.35 -19.20 -6.33
CA LYS A 78 24.70 -19.69 -6.46
C LYS A 78 25.05 -20.81 -5.48
N THR A 79 24.11 -21.29 -4.69
CA THR A 79 24.36 -22.41 -3.79
C THR A 79 23.09 -23.23 -3.71
N THR A 80 23.19 -24.56 -3.58
CA THR A 80 21.98 -25.33 -3.33
C THR A 80 21.67 -25.53 -1.86
N LEU A 81 22.46 -24.94 -0.96
CA LEU A 81 22.06 -24.81 0.45
C LEU A 81 20.77 -23.99 0.62
N PRO A 82 19.95 -24.31 1.67
CA PRO A 82 18.82 -23.44 2.01
C PRO A 82 19.31 -22.06 2.41
N VAL A 83 18.63 -21.05 1.91
CA VAL A 83 18.94 -19.67 2.21
C VAL A 83 17.67 -19.05 2.79
N LEU A 84 17.84 -18.42 3.94
CA LEU A 84 16.81 -17.78 4.71
C LEU A 84 17.05 -16.29 4.54
N GLY A 85 15.99 -15.54 4.26
CA GLY A 85 16.07 -14.10 4.05
C GLY A 85 15.39 -13.29 5.15
N VAL A 86 16.14 -12.34 5.73
CA VAL A 86 15.68 -11.39 6.69
C VAL A 86 15.58 -9.97 6.06
N PRO A 87 14.35 -9.47 5.86
CA PRO A 87 14.20 -8.12 5.35
C PRO A 87 14.57 -7.15 6.44
N VAL A 88 15.58 -6.33 6.18
CA VAL A 88 15.97 -5.31 7.13
C VAL A 88 15.11 -4.05 6.96
N LYS A 89 14.69 -3.50 8.09
CA LYS A 89 13.79 -2.35 8.15
C LYS A 89 14.46 -1.14 7.54
N SER A 90 13.99 -0.80 6.35
CA SER A 90 14.43 0.40 5.63
C SER A 90 13.89 1.66 6.33
N SER A 91 14.75 2.66 6.45
CA SER A 91 14.38 3.94 7.02
C SER A 91 13.26 4.66 6.25
N THR A 92 13.20 4.47 4.92
CA THR A 92 12.18 5.13 4.08
C THR A 92 10.84 4.40 4.06
N LEU A 93 10.82 3.14 3.63
CA LEU A 93 9.55 2.43 3.44
C LEU A 93 9.23 1.34 4.50
N ASN A 94 9.89 1.45 5.66
CA ASN A 94 9.69 0.53 6.78
C ASN A 94 9.86 -0.96 6.46
N GLY A 95 10.66 -1.26 5.45
CA GLY A 95 11.00 -2.64 5.11
C GLY A 95 10.02 -3.30 4.15
N GLN A 96 9.04 -2.55 3.64
CA GLN A 96 8.12 -3.07 2.60
C GLN A 96 8.89 -3.37 1.30
N ASP A 97 9.86 -2.52 0.97
CA ASP A 97 10.68 -2.75 -0.20
C ASP A 97 11.59 -3.94 0.01
N SER A 98 12.22 -3.98 1.19
CA SER A 98 13.05 -5.14 1.57
C SER A 98 12.27 -6.47 1.52
N LEU A 99 11.04 -6.45 2.04
CA LEU A 99 10.19 -7.64 2.06
C LEU A 99 9.84 -8.14 0.65
N LEU A 100 9.35 -7.26 -0.21
CA LEU A 100 8.97 -7.66 -1.56
C LEU A 100 10.17 -8.10 -2.43
N SER A 101 11.28 -7.40 -2.25
CA SER A 101 12.55 -7.71 -2.91
C SER A 101 13.12 -9.10 -2.59
N ILE A 102 12.80 -9.60 -1.41
CA ILE A 102 13.27 -10.91 -0.94
C ILE A 102 12.26 -12.03 -1.21
N VAL A 103 10.99 -11.83 -0.82
CA VAL A 103 10.02 -12.93 -0.83
C VAL A 103 9.52 -13.27 -2.23
N GLN A 104 9.40 -12.27 -3.10
CA GLN A 104 8.79 -12.47 -4.44
C GLN A 104 9.67 -13.16 -5.51
N PRO A 106 10.62 -15.62 -8.24
CA PRO A 106 9.90 -16.47 -9.19
C PRO A 106 10.29 -17.95 -9.04
N ALA A 107 9.54 -18.87 -9.63
CA ALA A 107 9.79 -20.30 -9.44
C ALA A 107 11.22 -20.61 -9.86
N GLY A 108 11.95 -21.39 -9.07
CA GLY A 108 13.25 -21.88 -9.51
C GLY A 108 14.33 -21.83 -8.47
N ILE A 109 14.41 -20.71 -7.75
CA ILE A 109 15.44 -20.40 -6.79
C ILE A 109 14.69 -19.85 -5.57
N PRO A 110 14.52 -20.70 -4.55
CA PRO A 110 13.69 -20.25 -3.45
C PRO A 110 14.49 -19.41 -2.50
N VAL A 111 13.81 -18.48 -1.83
CA VAL A 111 14.33 -17.92 -0.56
C VAL A 111 13.27 -17.97 0.58
N ALA A 112 13.59 -18.63 1.69
CA ALA A 112 12.66 -18.70 2.81
C ALA A 112 12.72 -17.37 3.50
N THR A 113 11.59 -16.67 3.57
CA THR A 113 11.57 -15.29 4.06
C THR A 113 10.90 -15.20 5.41
N PHE A 114 11.45 -14.37 6.28
CA PHE A 114 10.86 -14.12 7.63
C PHE A 114 10.42 -12.67 7.80
N ALA A 115 9.87 -12.35 8.97
CA ALA A 115 9.32 -11.03 9.25
C ALA A 115 10.33 -9.94 9.02
N ILE A 116 9.82 -8.76 8.68
CA ILE A 116 10.64 -7.54 8.63
C ILE A 116 11.25 -7.30 9.99
N GLY A 117 12.55 -7.03 10.00
CA GLY A 117 13.25 -6.60 11.22
C GLY A 117 13.72 -7.72 12.14
N ALA A 119 12.29 -9.36 14.53
CA ALA A 119 11.43 -10.54 14.55
C ALA A 119 11.90 -11.60 13.57
N GLY A 120 12.17 -11.20 12.34
CA GLY A 120 12.62 -12.13 11.33
C GLY A 120 14.03 -12.66 11.57
N ALA A 121 14.89 -11.82 12.13
CA ALA A 121 16.28 -12.19 12.46
C ALA A 121 16.28 -13.31 13.50
N LYS A 122 15.45 -13.14 14.52
CA LYS A 122 15.30 -14.15 15.54
C LYS A 122 14.73 -15.44 14.95
N ASN A 123 13.64 -15.29 14.20
CA ASN A 123 13.00 -16.47 13.60
C ASN A 123 13.85 -17.20 12.55
N ALA A 124 14.71 -16.47 11.82
CA ALA A 124 15.63 -17.16 10.89
C ALA A 124 16.56 -18.04 11.66
N ALA A 125 17.06 -17.56 12.80
CA ALA A 125 17.91 -18.41 13.64
C ALA A 125 17.16 -19.67 14.12
N LEU A 126 15.96 -19.43 14.65
CA LEU A 126 15.09 -20.50 15.12
C LEU A 126 14.74 -21.49 14.00
N PHE A 127 14.50 -20.98 12.81
CA PHE A 127 14.21 -21.86 11.68
C PHE A 127 15.46 -22.66 11.24
N ALA A 128 16.64 -22.04 11.28
CA ALA A 128 17.87 -22.75 10.93
C ALA A 128 18.08 -23.93 11.89
N ALA A 129 17.74 -23.72 13.16
CA ALA A 129 17.83 -24.76 14.17
C ALA A 129 16.90 -25.92 13.83
N SER A 130 15.71 -25.64 13.31
CA SER A 130 14.77 -26.68 12.97
C SER A 130 15.16 -27.47 11.73
N ILE A 131 15.95 -26.89 10.84
CA ILE A 131 16.57 -27.66 9.75
C ILE A 131 17.68 -28.56 10.29
N LEU A 132 18.49 -28.01 11.20
CA LEU A 132 19.66 -28.70 11.71
C LEU A 132 19.28 -29.78 12.74
N GLN A 133 18.17 -29.59 13.45
CA GLN A 133 17.83 -30.51 14.52
C GLN A 133 17.80 -32.00 14.09
N HIS A 134 17.43 -32.27 12.84
CA HIS A 134 17.36 -33.66 12.35
C HIS A 134 18.73 -34.34 12.42
N THR A 135 19.76 -33.51 12.36
CA THR A 135 21.12 -33.90 12.15
C THR A 135 21.93 -33.84 13.44
N ASP A 136 21.29 -33.46 14.56
CA ASP A 136 22.01 -33.16 15.79
C ASP A 136 21.06 -33.11 16.98
N ILE A 137 21.23 -34.07 17.87
CA ILE A 137 20.44 -34.20 19.08
C ILE A 137 20.62 -33.07 20.08
N ASN A 138 21.78 -32.43 20.11
CA ASN A 138 21.94 -31.32 21.04
C ASN A 138 21.17 -30.08 20.55
N ILE A 139 21.20 -29.82 19.24
CA ILE A 139 20.41 -28.74 18.68
C ILE A 139 18.93 -29.04 18.89
N ALA A 140 18.51 -30.28 18.65
CA ALA A 140 17.10 -30.65 18.81
C ALA A 140 16.61 -30.44 20.24
N LYS A 141 17.41 -30.83 21.22
CA LYS A 141 17.01 -30.60 22.60
C LYS A 141 17.00 -29.10 22.91
N ALA A 142 17.95 -28.35 22.37
CA ALA A 142 18.07 -26.93 22.69
C ALA A 142 16.90 -26.12 22.10
N LEU A 143 16.49 -26.45 20.88
CA LEU A 143 15.29 -25.85 20.31
C LEU A 143 14.06 -26.24 21.15
N ALA A 144 13.94 -27.54 21.47
CA ALA A 144 12.80 -28.05 22.25
C ALA A 144 12.67 -27.24 23.54
N GLU A 145 13.81 -27.04 24.20
CA GLU A 145 13.82 -26.28 25.43
C GLU A 145 13.48 -24.78 25.27
N PHE A 146 14.02 -24.14 24.24
CA PHE A 146 13.74 -22.73 23.97
C PHE A 146 12.23 -22.52 23.89
N ARG A 147 11.56 -23.42 23.19
CA ARG A 147 10.13 -23.37 23.01
C ARG A 147 9.43 -23.61 24.34
N ALA A 148 9.89 -24.64 25.07
CA ALA A 148 9.30 -24.97 26.35
C ALA A 148 9.34 -23.76 27.29
N GLU A 149 10.47 -23.04 27.30
CA GLU A 149 10.69 -21.84 28.12
C GLU A 149 9.71 -20.73 27.74
N GLN A 150 9.60 -20.46 26.44
CA GLN A 150 8.78 -19.31 25.98
C GLN A 150 7.32 -19.55 26.30
N THR A 151 6.87 -20.81 26.11
CA THR A 151 5.54 -21.27 26.51
C THR A 151 5.30 -21.10 28.02
N ARG A 152 6.17 -21.71 28.82
CA ARG A 152 6.16 -21.56 30.28
C ARG A 152 6.10 -20.07 30.72
N PHE A 153 6.91 -19.23 30.09
CA PHE A 153 6.94 -17.79 30.37
C PHE A 153 5.56 -17.13 30.23
N VAL A 154 4.81 -17.47 29.20
CA VAL A 154 3.45 -16.95 29.10
C VAL A 154 2.48 -17.63 30.10
N LEU A 155 2.58 -18.94 30.30
CA LEU A 155 1.66 -19.64 31.23
C LEU A 155 1.83 -19.14 32.67
N GLU A 156 3.07 -18.83 33.05
CA GLU A 156 3.38 -18.39 34.41
C GLU A 156 3.06 -16.93 34.63
N ASN A 157 2.85 -16.18 33.56
CA ASN A 157 2.61 -14.74 33.64
C ASN A 157 1.33 -14.30 32.91
N PRO A 158 0.15 -14.79 33.34
CA PRO A 158 -1.12 -14.47 32.66
C PRO A 158 -1.64 -13.05 32.83
N ASP A 159 -1.39 -12.44 33.99
CA ASP A 159 -1.85 -11.10 34.30
C ASP A 159 -0.96 -10.11 33.58
N PRO A 160 -1.56 -9.23 32.75
CA PRO A 160 -0.68 -8.28 32.07
C PRO A 160 -0.45 -7.02 32.89
N ARG A 161 -1.23 -6.82 33.95
CA ARG A 161 -1.13 -5.60 34.76
C ARG A 161 -0.25 -5.82 36.00
N SER B 2 -16.69 40.16 6.98
CA SER B 2 -17.90 39.25 6.94
C SER B 2 -17.50 37.77 6.97
N VAL B 3 -18.39 36.92 7.47
CA VAL B 3 -18.07 35.53 7.72
C VAL B 3 -18.56 34.62 6.59
N GLN B 4 -17.65 34.33 5.67
CA GLN B 4 -17.94 33.67 4.41
C GLN B 4 -17.51 32.19 4.33
N VAL B 5 -16.58 31.79 5.19
CA VAL B 5 -16.05 30.42 5.20
C VAL B 5 -16.27 29.83 6.58
N GLY B 6 -16.85 28.64 6.62
CA GLY B 6 -16.93 27.84 7.85
C GLY B 6 -15.82 26.81 7.87
N VAL B 7 -14.96 26.86 8.88
CA VAL B 7 -13.91 25.86 9.04
C VAL B 7 -14.34 24.94 10.18
N ILE B 8 -14.50 23.65 9.92
CA ILE B 8 -15.01 22.71 10.91
C ILE B 8 -14.11 21.46 11.03
N GLY B 10 -13.66 17.41 13.24
CA GLY B 10 -14.24 16.38 14.11
C GLY B 10 -13.91 16.50 15.56
N SER B 11 -12.72 17.00 15.88
CA SER B 11 -12.25 17.05 17.26
C SER B 11 -11.15 18.08 17.44
N LYS B 12 -10.90 18.46 18.69
CA LYS B 12 -9.89 19.51 18.97
C LYS B 12 -8.51 19.03 18.65
N SER B 13 -8.30 17.72 18.63
CA SER B 13 -7.00 17.17 18.24
C SER B 13 -6.69 17.45 16.76
N ASP B 14 -7.70 17.84 15.97
CA ASP B 14 -7.46 18.30 14.58
C ASP B 14 -6.97 19.76 14.48
N TRP B 15 -6.99 20.49 15.60
CA TRP B 15 -6.72 21.92 15.60
C TRP B 15 -5.33 22.27 15.09
N SER B 16 -4.33 21.45 15.43
CA SER B 16 -2.95 21.76 15.02
C SER B 16 -2.77 21.72 13.54
N THR B 17 -3.63 20.96 12.84
CA THR B 17 -3.71 21.00 11.40
C THR B 17 -4.59 22.16 10.95
N LYS B 19 -5.67 24.84 12.31
CA LYS B 19 -5.27 26.21 12.60
C LYS B 19 -4.47 26.83 11.47
N GLU B 20 -3.72 26.01 10.73
CA GLU B 20 -2.95 26.53 9.61
C GLU B 20 -3.88 27.00 8.49
N CYS B 21 -5.06 26.39 8.37
CA CYS B 21 -6.07 26.85 7.44
C CYS B 21 -6.59 28.24 7.89
N CYS B 22 -6.94 28.36 9.17
CA CYS B 22 -7.43 29.63 9.70
C CYS B 22 -6.41 30.75 9.62
N ASP B 23 -5.14 30.45 9.90
CA ASP B 23 -4.10 31.48 9.80
C ASP B 23 -4.01 32.02 8.38
N ILE B 24 -4.14 31.18 7.36
CA ILE B 24 -4.13 31.70 5.97
C ILE B 24 -5.35 32.58 5.66
N LEU B 25 -6.51 32.23 6.18
CA LEU B 25 -7.71 33.05 5.95
C LEU B 25 -7.54 34.40 6.68
N ASP B 26 -7.03 34.35 7.91
CA ASP B 26 -6.62 35.58 8.63
C ASP B 26 -5.77 36.46 7.74
N ASN B 27 -4.70 35.90 7.19
CA ASN B 27 -3.74 36.72 6.43
C ASN B 27 -4.35 37.27 5.14
N LEU B 28 -5.27 36.54 4.51
CA LEU B 28 -5.95 37.04 3.29
C LEU B 28 -7.13 37.94 3.61
N GLY B 29 -7.35 38.17 4.91
CA GLY B 29 -8.40 39.06 5.38
C GLY B 29 -9.79 38.54 5.11
N ILE B 30 -9.93 37.20 5.02
CA ILE B 30 -11.23 36.56 4.76
C ILE B 30 -11.87 36.25 6.11
N GLY B 31 -13.17 36.52 6.23
CA GLY B 31 -13.89 36.27 7.47
C GLY B 31 -14.31 34.83 7.55
N TYR B 32 -14.12 34.23 8.72
CA TYR B 32 -14.42 32.81 8.91
C TYR B 32 -14.84 32.60 10.33
N GLU B 33 -15.42 31.43 10.56
CA GLU B 33 -15.68 30.90 11.90
C GLU B 33 -14.99 29.54 11.96
N CYS B 34 -14.51 29.16 13.13
CA CYS B 34 -13.92 27.84 13.33
C CYS B 34 -14.68 27.11 14.43
N GLU B 35 -14.90 25.81 14.27
CA GLU B 35 -15.85 25.14 15.17
C GLU B 35 -15.61 23.64 15.18
N VAL B 36 -15.63 23.02 16.35
CA VAL B 36 -15.60 21.56 16.44
C VAL B 36 -17.01 21.02 16.23
N VAL B 37 -17.19 20.24 15.15
CA VAL B 37 -18.46 19.61 14.80
C VAL B 37 -18.18 18.16 14.42
N SER B 38 -18.59 17.22 15.27
CA SER B 38 -18.24 15.79 15.10
C SER B 38 -19.34 15.04 14.36
N ALA B 39 -18.98 14.39 13.26
CA ALA B 39 -19.92 13.60 12.47
C ALA B 39 -20.42 12.43 13.30
N HIS B 40 -19.57 11.88 14.15
CA HIS B 40 -19.92 10.68 14.85
C HIS B 40 -20.47 10.92 16.23
N ARG B 41 -19.94 11.93 16.92
CA ARG B 41 -20.33 12.25 18.28
C ARG B 41 -21.42 13.35 18.39
N THR B 42 -21.53 14.24 17.39
CA THR B 42 -22.62 15.25 17.35
C THR B 42 -23.31 15.23 15.98
N PRO B 43 -23.86 14.07 15.59
CA PRO B 43 -24.41 13.96 14.23
C PRO B 43 -25.56 14.95 13.95
N ASP B 44 -26.36 15.26 14.97
CA ASP B 44 -27.49 16.16 14.82
C ASP B 44 -27.04 17.60 14.59
N LYS B 45 -26.11 18.06 15.42
CA LYS B 45 -25.53 19.39 15.21
C LYS B 45 -24.87 19.46 13.84
N PHE B 47 -25.72 17.87 11.00
CA PHE B 47 -26.79 18.09 10.02
C PHE B 47 -27.28 19.52 10.09
N ASP B 48 -27.35 20.08 11.28
CA ASP B 48 -27.90 21.40 11.47
C ASP B 48 -26.98 22.47 10.87
N TYR B 49 -25.70 22.30 11.18
CA TYR B 49 -24.67 23.18 10.69
C TYR B 49 -24.67 23.21 9.18
N ALA B 50 -24.68 22.03 8.55
CA ALA B 50 -24.71 21.96 7.09
C ALA B 50 -26.00 22.58 6.58
N GLU B 51 -27.14 22.18 7.11
CA GLU B 51 -28.45 22.69 6.65
C GLU B 51 -28.61 24.20 6.66
N THR B 52 -28.04 24.87 7.66
CA THR B 52 -28.23 26.30 7.84
C THR B 52 -27.11 27.15 7.24
N ALA B 53 -26.08 26.51 6.68
CA ALA B 53 -24.87 27.24 6.28
C ALA B 53 -25.18 28.36 5.31
N LYS B 54 -25.97 28.04 4.29
CA LYS B 54 -26.30 28.98 3.24
C LYS B 54 -27.11 30.16 3.77
N GLU B 55 -28.10 29.92 4.60
CA GLU B 55 -28.91 31.03 5.11
C GLU B 55 -28.09 31.89 6.08
N ARG B 56 -27.06 31.30 6.71
CA ARG B 56 -26.19 32.04 7.61
C ARG B 56 -25.16 32.89 6.85
N GLY B 57 -25.13 32.78 5.52
CA GLY B 57 -24.23 33.59 4.70
C GLY B 57 -22.90 32.95 4.39
N LEU B 58 -22.74 31.66 4.72
CA LEU B 58 -21.49 30.96 4.38
C LEU B 58 -21.51 30.63 2.88
N LYS B 59 -20.32 30.65 2.26
CA LYS B 59 -20.17 30.43 0.83
C LYS B 59 -19.41 29.16 0.52
N VAL B 60 -18.50 28.79 1.42
CA VAL B 60 -17.65 27.62 1.32
C VAL B 60 -17.50 27.00 2.71
N ILE B 61 -17.51 25.68 2.77
CA ILE B 61 -17.20 24.99 4.04
C ILE B 61 -15.93 24.18 3.88
N ILE B 62 -15.02 24.33 4.85
CA ILE B 62 -13.79 23.55 4.89
C ILE B 62 -13.85 22.61 6.10
N ALA B 63 -13.75 21.31 5.82
CA ALA B 63 -13.97 20.29 6.85
C ALA B 63 -12.76 19.38 6.95
N GLY B 64 -12.24 19.26 8.17
CA GLY B 64 -11.10 18.40 8.47
C GLY B 64 -11.52 17.22 9.30
N ALA B 65 -10.97 16.04 8.98
CA ALA B 65 -11.10 14.87 9.84
C ALA B 65 -10.07 13.79 9.52
N GLY B 66 -9.87 12.90 10.50
CA GLY B 66 -8.91 11.79 10.41
C GLY B 66 -9.55 10.42 10.60
N GLY B 67 -8.79 9.35 10.33
CA GLY B 67 -9.29 7.99 10.43
C GLY B 67 -10.33 7.73 9.35
N ALA B 68 -11.46 7.09 9.76
CA ALA B 68 -12.67 6.96 8.97
C ALA B 68 -13.33 8.33 8.94
N ALA B 69 -12.80 9.20 8.09
CA ALA B 69 -13.14 10.61 8.09
C ALA B 69 -14.43 10.80 7.28
N HIS B 70 -15.57 10.98 7.97
CA HIS B 70 -16.87 11.13 7.33
C HIS B 70 -17.41 12.58 7.31
N LEU B 71 -16.84 13.47 8.14
CA LEU B 71 -17.34 14.85 8.25
C LEU B 71 -17.47 15.61 6.93
N PRO B 72 -16.40 15.69 6.11
CA PRO B 72 -16.58 16.40 4.83
C PRO B 72 -17.71 15.85 3.96
N GLY B 73 -17.79 14.52 3.81
CA GLY B 73 -18.79 13.95 2.90
C GLY B 73 -20.23 14.12 3.37
N VAL B 75 -21.41 16.60 5.42
CA VAL B 75 -21.74 18.00 5.29
C VAL B 75 -22.10 18.27 3.82
N ALA B 76 -21.29 17.75 2.90
CA ALA B 76 -21.53 17.92 1.49
C ALA B 76 -22.89 17.33 1.11
N ALA B 77 -23.27 16.22 1.75
CA ALA B 77 -24.59 15.61 1.51
C ALA B 77 -25.78 16.50 1.91
N LYS B 78 -25.54 17.44 2.82
CA LYS B 78 -26.61 18.21 3.44
C LYS B 78 -26.56 19.71 3.13
N THR B 79 -25.66 20.13 2.25
CA THR B 79 -25.61 21.52 1.77
C THR B 79 -25.24 21.52 0.29
N THR B 80 -25.78 22.47 -0.46
CA THR B 80 -25.33 22.69 -1.85
C THR B 80 -24.11 23.56 -1.95
N LEU B 81 -23.61 24.08 -0.82
CA LEU B 81 -22.37 24.84 -0.83
C LEU B 81 -21.18 23.94 -1.18
N PRO B 82 -20.15 24.49 -1.86
CA PRO B 82 -18.92 23.71 -2.02
C PRO B 82 -18.29 23.36 -0.67
N VAL B 83 -17.90 22.09 -0.52
CA VAL B 83 -17.22 21.62 0.66
C VAL B 83 -15.81 21.20 0.24
N LEU B 84 -14.82 21.67 0.99
CA LEU B 84 -13.43 21.26 0.82
C LEU B 84 -13.08 20.33 1.98
N GLY B 85 -12.36 19.25 1.68
CA GLY B 85 -12.02 18.21 2.64
C GLY B 85 -10.51 18.17 2.85
N VAL B 86 -10.12 18.24 4.10
CA VAL B 86 -8.72 18.13 4.51
C VAL B 86 -8.49 16.83 5.27
N PRO B 87 -7.71 15.90 4.69
CA PRO B 87 -7.37 14.67 5.41
C PRO B 87 -6.37 14.97 6.54
N VAL B 88 -6.80 14.79 7.79
CA VAL B 88 -5.94 14.96 8.94
C VAL B 88 -5.08 13.71 9.14
N LYS B 89 -3.78 13.94 9.37
CA LYS B 89 -2.82 12.88 9.59
C LYS B 89 -3.15 12.17 10.89
N SER B 90 -3.73 11.00 10.69
CA SER B 90 -3.90 10.02 11.73
C SER B 90 -2.54 9.55 12.24
N SER B 91 -2.46 9.21 13.53
CA SER B 91 -1.26 8.63 14.11
C SER B 91 -0.92 7.25 13.53
N THR B 92 -1.93 6.46 13.13
CA THR B 92 -1.66 5.09 12.68
C THR B 92 -1.19 4.97 11.21
N LEU B 93 -2.06 5.24 10.25
CA LEU B 93 -1.73 5.06 8.81
C LEU B 93 -1.31 6.35 8.06
N ASN B 94 -0.83 7.34 8.81
CA ASN B 94 -0.27 8.54 8.19
C ASN B 94 -1.23 9.31 7.28
N GLY B 95 -2.52 9.21 7.59
CA GLY B 95 -3.53 9.91 6.83
C GLY B 95 -3.99 9.21 5.56
N GLN B 96 -3.54 7.99 5.30
CA GLN B 96 -4.02 7.30 4.09
C GLN B 96 -5.48 6.88 4.22
N ASP B 97 -5.85 6.42 5.41
CA ASP B 97 -7.25 6.19 5.72
C ASP B 97 -8.12 7.45 5.51
N SER B 98 -7.69 8.59 6.07
CA SER B 98 -8.48 9.84 5.94
C SER B 98 -8.56 10.30 4.51
N LEU B 99 -7.46 10.21 3.77
CA LEU B 99 -7.49 10.62 2.36
C LEU B 99 -8.53 9.83 1.55
N LEU B 100 -8.53 8.51 1.68
CA LEU B 100 -9.43 7.68 0.88
C LEU B 100 -10.86 7.89 1.31
N SER B 101 -11.04 8.09 2.63
CA SER B 101 -12.35 8.29 3.23
C SER B 101 -13.02 9.56 2.78
N ILE B 102 -12.21 10.53 2.36
CA ILE B 102 -12.71 11.83 1.92
C ILE B 102 -12.78 11.92 0.42
N VAL B 103 -11.72 11.50 -0.27
CA VAL B 103 -11.63 11.76 -1.69
C VAL B 103 -12.48 10.77 -2.53
N GLN B 104 -12.69 9.52 -2.10
CA GLN B 104 -13.34 8.48 -2.94
C GLN B 104 -14.88 8.51 -2.95
N PRO B 106 -18.45 8.52 -4.26
CA PRO B 106 -19.18 8.09 -5.43
C PRO B 106 -19.85 9.30 -6.13
N ALA B 107 -20.21 9.16 -7.41
CA ALA B 107 -20.81 10.25 -8.17
C ALA B 107 -22.05 10.74 -7.45
N GLY B 108 -22.18 12.07 -7.32
CA GLY B 108 -23.42 12.66 -6.85
C GLY B 108 -23.22 13.72 -5.79
N ILE B 109 -22.32 13.48 -4.84
CA ILE B 109 -22.01 14.42 -3.76
C ILE B 109 -20.50 14.64 -3.69
N PRO B 110 -20.02 15.74 -4.29
CA PRO B 110 -18.58 15.94 -4.35
C PRO B 110 -17.98 16.48 -3.06
N VAL B 111 -16.74 16.08 -2.77
CA VAL B 111 -15.88 16.83 -1.80
C VAL B 111 -14.53 17.15 -2.49
N ALA B 112 -14.20 18.44 -2.56
CA ALA B 112 -12.90 18.86 -3.09
C ALA B 112 -11.85 18.53 -2.06
N THR B 113 -10.95 17.60 -2.40
CA THR B 113 -9.99 17.04 -1.48
C THR B 113 -8.57 17.59 -1.68
N PHE B 114 -7.93 17.99 -0.58
CA PHE B 114 -6.55 18.42 -0.62
C PHE B 114 -5.58 17.45 0.06
N ALA B 115 -4.30 17.81 0.02
CA ALA B 115 -3.21 17.01 0.59
C ALA B 115 -3.40 16.69 2.06
N ILE B 116 -2.88 15.53 2.48
CA ILE B 116 -2.88 15.11 3.87
C ILE B 116 -2.11 16.16 4.68
N GLY B 117 -2.69 16.53 5.81
CA GLY B 117 -2.05 17.38 6.81
C GLY B 117 -2.06 18.87 6.49
N ALA B 119 -0.31 20.87 4.63
CA ALA B 119 -0.28 21.30 3.25
C ALA B 119 -1.71 21.46 2.72
N GLY B 120 -2.53 20.46 2.98
CA GLY B 120 -3.93 20.49 2.55
C GLY B 120 -4.76 21.56 3.27
N ALA B 121 -4.54 21.69 4.56
CA ALA B 121 -5.17 22.75 5.37
C ALA B 121 -4.94 24.13 4.74
N LYS B 122 -3.66 24.44 4.45
CA LYS B 122 -3.28 25.71 3.82
C LYS B 122 -3.91 25.84 2.47
N ASN B 123 -3.79 24.78 1.66
CA ASN B 123 -4.33 24.79 0.30
C ASN B 123 -5.82 24.91 0.27
N ALA B 124 -6.49 24.32 1.26
CA ALA B 124 -7.94 24.46 1.38
C ALA B 124 -8.34 25.93 1.47
N ALA B 125 -7.66 26.66 2.33
CA ALA B 125 -7.91 28.07 2.52
C ALA B 125 -7.63 28.88 1.26
N LEU B 126 -6.48 28.63 0.64
CA LEU B 126 -6.10 29.30 -0.60
C LEU B 126 -7.12 28.96 -1.70
N PHE B 127 -7.63 27.75 -1.70
CA PHE B 127 -8.66 27.37 -2.70
C PHE B 127 -10.05 28.02 -2.43
N ALA B 128 -10.36 28.24 -1.17
CA ALA B 128 -11.55 28.98 -0.81
C ALA B 128 -11.42 30.43 -1.32
N ALA B 129 -10.24 31.06 -1.14
CA ALA B 129 -9.93 32.38 -1.66
C ALA B 129 -10.15 32.46 -3.15
N SER B 130 -9.77 31.41 -3.86
CA SER B 130 -9.88 31.36 -5.30
C SER B 130 -11.32 31.24 -5.78
N ILE B 131 -12.18 30.61 -4.98
CA ILE B 131 -13.63 30.64 -5.24
C ILE B 131 -14.24 32.02 -4.91
N LEU B 132 -13.86 32.60 -3.78
CA LEU B 132 -14.45 33.84 -3.28
C LEU B 132 -13.97 35.10 -4.02
N GLN B 133 -12.77 35.03 -4.60
CA GLN B 133 -12.18 36.17 -5.27
C GLN B 133 -13.11 36.73 -6.32
N HIS B 134 -13.87 35.84 -6.99
CA HIS B 134 -14.70 36.25 -8.11
C HIS B 134 -15.61 37.42 -7.73
N THR B 135 -16.09 37.48 -6.48
CA THR B 135 -16.94 38.58 -6.01
C THR B 135 -16.44 39.35 -4.77
N ASP B 136 -15.12 39.51 -4.65
CA ASP B 136 -14.52 40.24 -3.53
C ASP B 136 -13.14 40.71 -4.00
N ILE B 137 -13.00 42.02 -4.20
CA ILE B 137 -11.80 42.55 -4.84
C ILE B 137 -10.66 42.47 -3.85
N ASN B 138 -10.98 42.70 -2.58
CA ASN B 138 -10.01 42.59 -1.50
C ASN B 138 -9.38 41.20 -1.54
N ILE B 139 -10.21 40.17 -1.71
CA ILE B 139 -9.71 38.80 -1.71
C ILE B 139 -8.87 38.53 -2.94
N ALA B 140 -9.30 39.01 -4.10
CA ALA B 140 -8.54 38.84 -5.35
C ALA B 140 -7.14 39.45 -5.15
N LYS B 141 -7.11 40.64 -4.58
CA LYS B 141 -5.85 41.34 -4.30
C LYS B 141 -4.96 40.53 -3.34
N ALA B 142 -5.52 40.12 -2.21
CA ALA B 142 -4.75 39.41 -1.18
C ALA B 142 -4.17 38.06 -1.65
N LEU B 143 -4.91 37.35 -2.51
CA LEU B 143 -4.48 36.07 -3.06
C LEU B 143 -3.36 36.27 -4.11
N ALA B 144 -3.52 37.28 -4.96
CA ALA B 144 -2.46 37.66 -5.90
C ALA B 144 -1.16 38.10 -5.18
N GLU B 145 -1.28 38.88 -4.13
CA GLU B 145 -0.11 39.23 -3.34
C GLU B 145 0.56 37.98 -2.70
N PHE B 146 -0.25 37.02 -2.24
CA PHE B 146 0.30 35.79 -1.65
C PHE B 146 1.15 34.99 -2.65
N ARG B 147 0.61 34.79 -3.84
CA ARG B 147 1.29 34.07 -4.91
C ARG B 147 2.48 34.82 -5.45
N ALA B 148 2.37 36.14 -5.59
CA ALA B 148 3.49 36.97 -5.95
C ALA B 148 4.65 36.81 -4.94
N GLU B 149 4.31 36.90 -3.65
CA GLU B 149 5.28 36.70 -2.58
C GLU B 149 5.95 35.31 -2.63
N GLN B 150 5.18 34.24 -2.76
CA GLN B 150 5.81 32.92 -2.75
C GLN B 150 6.72 32.72 -3.97
N THR B 151 6.41 33.40 -5.07
CA THR B 151 7.23 33.38 -6.27
C THR B 151 8.52 34.19 -6.09
N ARG B 152 8.39 35.37 -5.51
CA ARG B 152 9.49 36.27 -5.21
C ARG B 152 10.49 35.62 -4.27
N PHE B 153 9.97 34.91 -3.28
CA PHE B 153 10.81 34.28 -2.28
C PHE B 153 11.76 33.26 -2.86
N VAL B 154 11.28 32.51 -3.86
CA VAL B 154 12.17 31.57 -4.54
C VAL B 154 13.14 32.29 -5.49
N LEU B 155 12.67 33.27 -6.24
CA LEU B 155 13.54 33.95 -7.22
C LEU B 155 14.69 34.68 -6.53
N GLU B 156 14.42 35.23 -5.34
CA GLU B 156 15.43 35.97 -4.60
C GLU B 156 16.35 35.12 -3.72
N ASN B 157 16.04 33.85 -3.58
CA ASN B 157 16.89 32.92 -2.84
C ASN B 157 17.16 31.64 -3.69
N PRO B 158 17.80 31.82 -4.86
CA PRO B 158 18.06 30.70 -5.79
C PRO B 158 19.06 29.65 -5.27
N ASP B 159 20.06 30.06 -4.51
CA ASP B 159 21.17 29.20 -4.11
C ASP B 159 20.83 28.48 -2.80
N PRO B 160 20.54 27.18 -2.83
CA PRO B 160 20.26 26.60 -1.51
C PRO B 160 21.45 26.60 -0.52
N ARG B 161 22.67 26.90 -0.95
CA ARG B 161 23.80 26.87 -0.04
C ARG B 161 23.91 28.11 0.85
N GLU B 162 22.93 29.02 0.76
CA GLU B 162 22.97 30.28 1.53
C GLU B 162 22.48 30.06 2.97
N SER C 2 -19.76 -10.10 38.07
CA SER C 2 -19.97 -11.38 37.34
C SER C 2 -19.32 -11.22 35.99
N VAL C 3 -18.37 -12.10 35.67
CA VAL C 3 -17.48 -11.87 34.55
C VAL C 3 -18.13 -12.24 33.20
N GLN C 4 -18.40 -11.23 32.38
CA GLN C 4 -19.08 -11.47 31.11
C GLN C 4 -18.23 -11.26 29.86
N VAL C 5 -17.13 -10.54 30.00
CA VAL C 5 -16.23 -10.31 28.87
C VAL C 5 -14.83 -10.86 29.15
N GLY C 6 -14.27 -11.61 28.22
CA GLY C 6 -12.88 -12.07 28.31
C GLY C 6 -12.04 -11.16 27.44
N VAL C 7 -11.09 -10.47 28.06
CA VAL C 7 -10.17 -9.62 27.32
C VAL C 7 -8.80 -10.31 27.26
N ILE C 8 -8.40 -10.76 26.06
CA ILE C 8 -7.18 -11.53 25.89
C ILE C 8 -6.23 -10.90 24.91
N GLY C 10 -2.10 -11.56 22.87
CA GLY C 10 -0.98 -12.43 22.58
C GLY C 10 0.27 -12.24 23.42
N SER C 11 0.53 -11.01 23.87
CA SER C 11 1.64 -10.81 24.81
C SER C 11 1.47 -9.59 25.72
N LYS C 12 2.26 -9.55 26.79
CA LYS C 12 2.24 -8.45 27.73
C LYS C 12 2.48 -7.11 27.07
N SER C 13 3.25 -7.09 25.98
CA SER C 13 3.52 -5.83 25.31
C SER C 13 2.27 -5.22 24.65
N ASP C 14 1.22 -6.03 24.40
CA ASP C 14 -0.08 -5.53 23.91
C ASP C 14 -0.87 -4.75 24.98
N TRP C 15 -0.45 -4.80 26.25
CA TRP C 15 -1.19 -4.15 27.36
C TRP C 15 -1.39 -2.65 27.21
N SER C 16 -0.38 -1.91 26.74
CA SER C 16 -0.55 -0.47 26.65
C SER C 16 -1.72 -0.14 25.69
N THR C 17 -2.03 -1.05 24.77
CA THR C 17 -3.22 -0.90 23.92
C THR C 17 -4.47 -1.42 24.62
N LYS C 19 -5.21 -2.15 27.74
CA LYS C 19 -5.61 -1.53 28.97
C LYS C 19 -6.79 -0.58 28.75
N GLU C 20 -6.77 0.14 27.63
CA GLU C 20 -7.81 1.10 27.29
C GLU C 20 -9.15 0.44 27.07
N CYS C 21 -9.17 -0.78 26.50
CA CYS C 21 -10.38 -1.62 26.47
C CYS C 21 -10.90 -1.85 27.88
N CYS C 22 -10.07 -2.46 28.71
CA CYS C 22 -10.45 -2.76 30.11
C CYS C 22 -10.91 -1.54 30.89
N ASP C 23 -10.29 -0.38 30.65
CA ASP C 23 -10.65 0.84 31.36
C ASP C 23 -12.10 1.24 31.00
N ILE C 24 -12.48 1.11 29.73
CA ILE C 24 -13.85 1.46 29.35
C ILE C 24 -14.81 0.45 30.00
N LEU C 25 -14.48 -0.83 29.96
CA LEU C 25 -15.30 -1.87 30.63
C LEU C 25 -15.54 -1.55 32.12
N ASP C 26 -14.50 -1.08 32.81
CA ASP C 26 -14.62 -0.66 34.21
C ASP C 26 -15.59 0.50 34.40
N ASN C 27 -15.53 1.47 33.50
CA ASN C 27 -16.41 2.62 33.56
C ASN C 27 -17.86 2.30 33.27
N LEU C 28 -18.12 1.32 32.41
CA LEU C 28 -19.49 0.91 32.14
C LEU C 28 -20.04 -0.08 33.16
N GLY C 29 -19.22 -0.51 34.12
CA GLY C 29 -19.68 -1.42 35.18
C GLY C 29 -19.76 -2.87 34.72
N ILE C 30 -18.98 -3.22 33.70
CA ILE C 30 -19.08 -4.54 33.04
C ILE C 30 -17.97 -5.42 33.61
N GLY C 31 -18.31 -6.59 34.15
CA GLY C 31 -17.31 -7.54 34.63
C GLY C 31 -16.47 -8.18 33.52
N TYR C 32 -15.17 -8.27 33.72
CA TYR C 32 -14.31 -8.90 32.72
C TYR C 32 -13.15 -9.52 33.44
N GLU C 33 -12.45 -10.37 32.71
CA GLU C 33 -11.14 -10.85 33.10
C GLU C 33 -10.23 -10.43 31.95
N CYS C 34 -8.94 -10.25 32.24
CA CYS C 34 -7.97 -9.98 31.19
C CYS C 34 -6.75 -10.89 31.37
N GLU C 35 -6.31 -11.47 30.26
CA GLU C 35 -5.35 -12.56 30.31
C GLU C 35 -4.41 -12.51 29.11
N VAL C 36 -3.15 -12.83 29.31
CA VAL C 36 -2.25 -13.05 28.19
C VAL C 36 -2.41 -14.50 27.75
N VAL C 37 -2.90 -14.66 26.52
CA VAL C 37 -3.11 -15.96 25.89
C VAL C 37 -2.45 -15.90 24.53
N SER C 38 -1.35 -16.65 24.31
CA SER C 38 -0.63 -16.59 23.03
C SER C 38 -1.08 -17.68 22.04
N ALA C 39 -1.50 -17.24 20.87
CA ALA C 39 -1.88 -18.17 19.81
C ALA C 39 -0.69 -19.01 19.38
N HIS C 40 0.50 -18.45 19.42
CA HIS C 40 1.66 -19.16 18.92
C HIS C 40 2.54 -19.80 19.98
N ARG C 41 2.62 -19.20 21.16
CA ARG C 41 3.44 -19.70 22.25
C ARG C 41 2.64 -20.56 23.25
N THR C 42 1.32 -20.37 23.34
CA THR C 42 0.44 -21.18 24.19
C THR C 42 -0.80 -21.65 23.43
N PRO C 43 -0.62 -22.34 22.29
CA PRO C 43 -1.78 -22.75 21.51
C PRO C 43 -2.79 -23.65 22.24
N ASP C 44 -2.32 -24.60 23.05
CA ASP C 44 -3.22 -25.45 23.87
C ASP C 44 -4.06 -24.65 24.88
N LYS C 45 -3.44 -23.69 25.57
CA LYS C 45 -4.18 -22.83 26.48
C LYS C 45 -5.22 -22.01 25.74
N PHE C 47 -6.73 -22.80 22.84
CA PHE C 47 -7.84 -23.72 22.50
C PHE C 47 -8.78 -23.98 23.69
N ASP C 48 -8.17 -24.12 24.86
CA ASP C 48 -8.91 -24.42 26.11
C ASP C 48 -9.75 -23.25 26.60
N TYR C 49 -9.20 -22.05 26.46
CA TYR C 49 -9.86 -20.82 26.83
C TYR C 49 -11.08 -20.61 25.99
N ALA C 50 -10.92 -20.80 24.67
CA ALA C 50 -11.98 -20.64 23.74
C ALA C 50 -13.07 -21.69 23.99
N GLU C 51 -12.68 -22.97 24.10
CA GLU C 51 -13.60 -24.09 24.32
C GLU C 51 -14.48 -23.95 25.56
N THR C 52 -13.91 -23.43 26.65
CA THR C 52 -14.63 -23.32 27.94
C THR C 52 -15.27 -21.94 28.24
N ALA C 53 -15.09 -20.98 27.33
CA ALA C 53 -15.55 -19.60 27.59
C ALA C 53 -17.05 -19.55 27.90
N LYS C 54 -17.85 -20.18 27.03
CA LYS C 54 -19.32 -20.23 27.21
C LYS C 54 -19.71 -20.85 28.55
N GLU C 55 -19.15 -22.02 28.84
CA GLU C 55 -19.32 -22.70 30.13
C GLU C 55 -18.92 -21.83 31.33
N ARG C 56 -17.80 -21.09 31.21
CA ARG C 56 -17.32 -20.22 32.30
C ARG C 56 -18.12 -18.93 32.45
N GLY C 57 -19.11 -18.72 31.57
CA GLY C 57 -20.08 -17.62 31.71
C GLY C 57 -19.83 -16.40 30.87
N LEU C 58 -18.73 -16.40 30.12
CA LEU C 58 -18.41 -15.33 29.18
C LEU C 58 -19.44 -15.23 28.06
N LYS C 59 -19.77 -13.99 27.68
CA LYS C 59 -20.70 -13.70 26.61
C LYS C 59 -20.01 -13.16 25.37
N VAL C 60 -18.87 -12.50 25.57
CA VAL C 60 -18.11 -11.94 24.49
C VAL C 60 -16.61 -12.08 24.81
N ILE C 61 -15.81 -12.32 23.78
CA ILE C 61 -14.36 -12.34 23.89
C ILE C 61 -13.76 -11.24 23.03
N ILE C 62 -12.84 -10.46 23.61
CA ILE C 62 -12.14 -9.41 22.89
C ILE C 62 -10.67 -9.76 22.85
N ALA C 63 -10.12 -9.92 21.64
CA ALA C 63 -8.77 -10.37 21.48
C ALA C 63 -7.92 -9.39 20.68
N GLY C 64 -6.80 -8.98 21.27
CA GLY C 64 -5.81 -8.16 20.61
C GLY C 64 -4.57 -8.94 20.21
N ALA C 65 -4.06 -8.65 19.00
CA ALA C 65 -2.78 -9.17 18.52
C ALA C 65 -2.24 -8.24 17.42
N GLY C 66 -0.94 -8.33 17.18
CA GLY C 66 -0.30 -7.59 16.09
C GLY C 66 0.51 -8.50 15.20
N GLY C 67 1.03 -7.93 14.11
CA GLY C 67 1.86 -8.66 13.17
C GLY C 67 1.00 -9.66 12.42
N ALA C 68 1.47 -10.90 12.37
CA ALA C 68 0.64 -12.02 11.89
C ALA C 68 -0.31 -12.39 13.06
N ALA C 69 -1.44 -11.69 13.10
CA ALA C 69 -2.32 -11.67 14.27
C ALA C 69 -3.38 -12.75 14.13
N HIS C 70 -3.15 -13.91 14.77
CA HIS C 70 -4.01 -15.11 14.58
C HIS C 70 -4.93 -15.38 15.78
N LEU C 71 -4.66 -14.73 16.90
CA LEU C 71 -5.41 -14.98 18.11
C LEU C 71 -6.93 -14.78 17.94
N PRO C 72 -7.41 -13.60 17.49
CA PRO C 72 -8.83 -13.49 17.35
C PRO C 72 -9.49 -14.57 16.50
N GLY C 73 -8.90 -14.84 15.33
CA GLY C 73 -9.48 -15.80 14.39
C GLY C 73 -9.49 -17.24 14.87
N VAL C 75 -9.50 -18.17 18.08
CA VAL C 75 -10.48 -18.22 19.19
C VAL C 75 -11.89 -18.35 18.59
N ALA C 76 -12.25 -17.50 17.62
CA ALA C 76 -13.52 -17.60 16.89
C ALA C 76 -13.76 -18.98 16.28
N ALA C 77 -12.71 -19.64 15.81
CA ALA C 77 -12.83 -21.03 15.33
C ALA C 77 -13.19 -22.05 16.43
N LYS C 78 -13.00 -21.70 17.70
CA LYS C 78 -13.15 -22.67 18.79
C LYS C 78 -14.24 -22.31 19.82
N THR C 79 -14.97 -21.22 19.55
CA THR C 79 -16.17 -20.86 20.30
C THR C 79 -17.25 -20.29 19.39
N THR C 80 -18.51 -20.47 19.75
CA THR C 80 -19.59 -19.77 18.97
C THR C 80 -19.89 -18.37 19.54
N LEU C 81 -19.23 -18.00 20.62
CA LEU C 81 -19.37 -16.66 21.15
C LEU C 81 -18.87 -15.62 20.15
N PRO C 82 -19.45 -14.42 20.19
CA PRO C 82 -18.90 -13.33 19.43
C PRO C 82 -17.48 -12.97 19.85
N VAL C 83 -16.59 -12.93 18.88
CA VAL C 83 -15.22 -12.52 19.10
C VAL C 83 -14.93 -11.19 18.38
N LEU C 84 -14.42 -10.24 19.17
CA LEU C 84 -14.05 -8.91 18.73
C LEU C 84 -12.52 -8.83 18.64
N GLY C 85 -12.03 -8.43 17.47
CA GLY C 85 -10.60 -8.33 17.24
C GLY C 85 -10.08 -6.92 17.17
N VAL C 86 -9.02 -6.67 17.93
CA VAL C 86 -8.32 -5.40 18.01
C VAL C 86 -6.92 -5.59 17.37
N PRO C 87 -6.68 -4.98 16.19
CA PRO C 87 -5.33 -5.03 15.62
C PRO C 87 -4.41 -4.09 16.36
N VAL C 88 -3.34 -4.65 16.92
CA VAL C 88 -2.40 -3.90 17.67
C VAL C 88 -1.35 -3.38 16.71
N LYS C 89 -0.96 -2.13 16.95
CA LYS C 89 -0.03 -1.40 16.10
C LYS C 89 1.36 -1.99 16.20
N SER C 90 1.79 -2.54 15.06
CA SER C 90 3.10 -3.17 14.90
C SER C 90 4.18 -2.12 14.71
N SER C 91 5.38 -2.41 15.19
CA SER C 91 6.44 -1.43 15.11
C SER C 91 6.82 -1.24 13.64
N THR C 92 6.81 -2.31 12.84
CA THR C 92 7.29 -2.21 11.48
C THR C 92 6.24 -1.61 10.52
N LEU C 93 5.02 -2.12 10.50
CA LEU C 93 4.03 -1.75 9.48
C LEU C 93 2.79 -0.97 10.00
N ASN C 94 2.93 -0.32 11.15
CA ASN C 94 1.85 0.51 11.72
C ASN C 94 0.49 -0.16 11.74
N GLY C 95 0.48 -1.47 11.98
CA GLY C 95 -0.76 -2.23 12.18
C GLY C 95 -1.45 -2.69 10.89
N GLN C 96 -0.84 -2.46 9.73
CA GLN C 96 -1.44 -2.93 8.46
C GLN C 96 -1.50 -4.44 8.35
N ASP C 97 -0.40 -5.08 8.74
CA ASP C 97 -0.31 -6.53 8.86
C ASP C 97 -1.32 -7.04 9.88
N SER C 98 -1.38 -6.39 11.05
CA SER C 98 -2.33 -6.78 12.09
C SER C 98 -3.78 -6.65 11.59
N LEU C 99 -4.10 -5.54 10.93
CA LEU C 99 -5.46 -5.31 10.46
C LEU C 99 -5.88 -6.39 9.47
N LEU C 100 -5.03 -6.68 8.48
CA LEU C 100 -5.41 -7.62 7.39
C LEU C 100 -5.51 -9.09 7.91
N SER C 101 -4.64 -9.43 8.86
CA SER C 101 -4.59 -10.76 9.50
C SER C 101 -5.83 -11.11 10.30
N ILE C 102 -6.54 -10.07 10.76
CA ILE C 102 -7.73 -10.21 11.58
C ILE C 102 -9.03 -10.06 10.78
N VAL C 103 -9.10 -9.03 9.92
CA VAL C 103 -10.35 -8.66 9.27
C VAL C 103 -10.67 -9.59 8.11
N GLN C 104 -9.65 -10.06 7.38
CA GLN C 104 -9.89 -10.81 6.11
C GLN C 104 -10.24 -12.32 6.27
N PRO C 106 -12.09 -15.61 5.87
CA PRO C 106 -12.94 -16.19 4.85
C PRO C 106 -14.30 -16.50 5.47
N ALA C 107 -15.30 -16.70 4.63
CA ALA C 107 -16.65 -17.04 5.08
C ALA C 107 -16.66 -18.25 6.01
N GLY C 108 -17.46 -18.23 7.07
CA GLY C 108 -17.59 -19.39 7.95
C GLY C 108 -17.31 -19.11 9.41
N ILE C 109 -16.31 -18.26 9.66
CA ILE C 109 -15.88 -17.93 11.02
C ILE C 109 -15.59 -16.42 11.08
N PRO C 110 -16.55 -15.63 11.60
CA PRO C 110 -16.37 -14.20 11.56
C PRO C 110 -15.58 -13.69 12.74
N VAL C 111 -14.83 -12.62 12.51
CA VAL C 111 -14.25 -11.83 13.62
C VAL C 111 -14.69 -10.39 13.35
N ALA C 112 -15.41 -9.81 14.30
CA ALA C 112 -15.72 -8.39 14.28
C ALA C 112 -14.45 -7.56 14.58
N THR C 113 -14.03 -6.75 13.59
CA THR C 113 -12.75 -6.08 13.63
C THR C 113 -12.95 -4.57 13.80
N PHE C 114 -12.09 -4.00 14.63
CA PHE C 114 -12.13 -2.59 14.95
C PHE C 114 -10.81 -1.89 14.57
N ALA C 115 -10.75 -0.57 14.77
CA ALA C 115 -9.60 0.19 14.25
C ALA C 115 -8.31 -0.32 14.89
N ILE C 116 -7.21 -0.01 14.22
CA ILE C 116 -5.87 -0.30 14.69
C ILE C 116 -5.63 0.51 15.92
N GLY C 117 -5.09 -0.16 16.93
CA GLY C 117 -4.62 0.50 18.12
C GLY C 117 -5.70 0.83 19.14
N ALA C 119 -7.85 3.21 19.57
CA ALA C 119 -9.21 3.55 19.15
C ALA C 119 -10.05 2.26 18.95
N GLY C 120 -9.42 1.24 18.35
CA GLY C 120 -10.05 -0.09 18.25
C GLY C 120 -10.29 -0.79 19.58
N ALA C 121 -9.35 -0.61 20.52
CA ALA C 121 -9.48 -1.22 21.85
C ALA C 121 -10.68 -0.64 22.58
N LYS C 122 -10.79 0.68 22.53
CA LYS C 122 -11.93 1.39 23.14
C LYS C 122 -13.25 0.97 22.55
N ASN C 123 -13.30 0.91 21.22
CA ASN C 123 -14.51 0.56 20.52
C ASN C 123 -14.91 -0.90 20.67
N ALA C 124 -13.95 -1.82 20.77
CA ALA C 124 -14.32 -3.22 21.07
C ALA C 124 -15.13 -3.29 22.38
N ALA C 125 -14.67 -2.56 23.40
CA ALA C 125 -15.36 -2.53 24.71
C ALA C 125 -16.78 -1.95 24.63
N LEU C 126 -16.89 -0.83 23.95
CA LEU C 126 -18.14 -0.17 23.69
C LEU C 126 -19.06 -1.09 22.87
N PHE C 127 -18.47 -1.83 21.94
CA PHE C 127 -19.27 -2.71 21.11
C PHE C 127 -19.72 -3.95 21.90
N ALA C 128 -18.90 -4.40 22.83
CA ALA C 128 -19.26 -5.49 23.74
C ALA C 128 -20.44 -5.05 24.60
N ALA C 129 -20.38 -3.81 25.08
CA ALA C 129 -21.50 -3.19 25.79
C ALA C 129 -22.78 -3.25 24.94
N SER C 130 -22.67 -2.94 23.64
CA SER C 130 -23.82 -2.91 22.75
C SER C 130 -24.44 -4.29 22.57
N ILE C 131 -23.65 -5.36 22.67
CA ILE C 131 -24.17 -6.73 22.73
C ILE C 131 -24.82 -7.03 24.09
N LEU C 132 -24.19 -6.63 25.18
CA LEU C 132 -24.67 -6.99 26.54
C LEU C 132 -25.88 -6.16 27.03
N GLN C 133 -26.06 -4.96 26.50
CA GLN C 133 -27.17 -4.11 26.88
C GLN C 133 -28.54 -4.76 26.69
N HIS C 134 -28.65 -5.66 25.69
CA HIS C 134 -29.95 -6.22 25.34
C HIS C 134 -30.60 -6.92 26.53
N THR C 135 -29.78 -7.72 27.20
CA THR C 135 -30.18 -8.57 28.29
C THR C 135 -29.85 -7.97 29.67
N ASP C 136 -29.36 -6.72 29.72
CA ASP C 136 -28.93 -6.11 30.99
C ASP C 136 -29.19 -4.61 30.98
N ILE C 137 -30.21 -4.20 31.72
CA ILE C 137 -30.70 -2.81 31.69
C ILE C 137 -29.66 -1.83 32.27
N ASN C 138 -28.83 -2.31 33.20
CA ASN C 138 -27.77 -1.49 33.79
C ASN C 138 -26.67 -1.17 32.79
N ILE C 139 -26.33 -2.13 31.95
CA ILE C 139 -25.35 -1.91 30.88
C ILE C 139 -25.91 -1.00 29.78
N ALA C 140 -27.18 -1.20 29.44
CA ALA C 140 -27.89 -0.33 28.51
C ALA C 140 -27.91 1.14 29.00
N LYS C 141 -28.20 1.37 30.26
CA LYS C 141 -28.14 2.71 30.85
C LYS C 141 -26.71 3.31 30.81
N ALA C 142 -25.71 2.60 31.32
CA ALA C 142 -24.31 3.09 31.33
C ALA C 142 -23.77 3.37 29.90
N LEU C 143 -24.14 2.54 28.92
CA LEU C 143 -23.71 2.81 27.54
C LEU C 143 -24.38 4.09 27.03
N ALA C 144 -25.68 4.20 27.27
CA ALA C 144 -26.44 5.38 26.87
C ALA C 144 -25.84 6.66 27.47
N GLU C 145 -25.46 6.63 28.74
CA GLU C 145 -24.83 7.79 29.37
C GLU C 145 -23.46 8.13 28.76
N PHE C 146 -22.63 7.11 28.50
CA PHE C 146 -21.33 7.34 27.92
C PHE C 146 -21.48 8.06 26.57
N ARG C 147 -22.45 7.65 25.77
CA ARG C 147 -22.67 8.35 24.50
C ARG C 147 -23.18 9.79 24.75
N ALA C 148 -24.15 9.95 25.66
CA ALA C 148 -24.64 11.30 25.98
C ALA C 148 -23.50 12.23 26.48
N GLU C 149 -22.65 11.69 27.35
CA GLU C 149 -21.41 12.36 27.84
C GLU C 149 -20.52 12.85 26.68
N GLN C 150 -20.22 11.97 25.74
CA GLN C 150 -19.25 12.32 24.68
C GLN C 150 -19.86 13.31 23.70
N THR C 151 -21.16 13.16 23.44
CA THR C 151 -21.88 14.15 22.66
C THR C 151 -21.91 15.49 23.36
N ARG C 152 -22.23 15.49 24.64
CA ARG C 152 -22.29 16.75 25.39
C ARG C 152 -20.92 17.45 25.51
N PHE C 153 -19.85 16.69 25.67
CA PHE C 153 -18.52 17.28 25.72
C PHE C 153 -18.17 18.07 24.45
N VAL C 154 -18.48 17.53 23.27
CA VAL C 154 -18.22 18.27 22.02
C VAL C 154 -19.13 19.48 21.94
N LEU C 155 -20.40 19.28 22.28
CA LEU C 155 -21.38 20.34 22.17
C LEU C 155 -21.02 21.52 23.08
N GLU C 156 -20.43 21.22 24.24
CA GLU C 156 -20.11 22.25 25.22
C GLU C 156 -18.76 22.95 24.96
N ASN C 157 -17.98 22.42 24.01
CA ASN C 157 -16.64 22.94 23.71
C ASN C 157 -16.41 23.14 22.21
N PRO C 158 -17.18 24.04 21.59
CA PRO C 158 -17.21 24.21 20.15
C PRO C 158 -16.02 24.98 19.56
N ASP C 159 -15.39 25.85 20.35
CA ASP C 159 -14.25 26.65 19.89
C ASP C 159 -12.96 25.90 20.24
N PRO C 160 -12.21 25.48 19.20
CA PRO C 160 -11.02 24.66 19.44
C PRO C 160 -9.79 25.40 20.04
N ARG C 161 -9.84 26.72 20.15
CA ARG C 161 -8.67 27.50 20.52
C ARG C 161 -8.17 27.34 21.98
N SER D 2 -39.94 -13.27 12.82
CA SER D 2 -39.91 -11.89 13.42
C SER D 2 -38.66 -11.12 12.99
N VAL D 3 -38.82 -9.85 12.62
CA VAL D 3 -37.75 -9.06 12.00
C VAL D 3 -36.73 -8.46 13.00
N GLN D 4 -35.55 -9.09 13.10
CA GLN D 4 -34.53 -8.72 14.07
C GLN D 4 -33.25 -8.13 13.49
N VAL D 5 -33.05 -8.29 12.18
CA VAL D 5 -31.86 -7.76 11.50
C VAL D 5 -32.29 -6.80 10.35
N GLY D 6 -31.65 -5.65 10.30
CA GLY D 6 -31.83 -4.68 9.24
C GLY D 6 -30.62 -4.75 8.35
N VAL D 7 -30.81 -5.13 7.09
CA VAL D 7 -29.69 -5.13 6.15
C VAL D 7 -29.85 -4.00 5.18
N ILE D 8 -28.88 -3.09 5.23
CA ILE D 8 -28.95 -1.91 4.40
C ILE D 8 -27.67 -1.74 3.60
N GLY D 10 -25.79 1.20 0.40
CA GLY D 10 -25.86 2.52 -0.22
C GLY D 10 -26.51 2.55 -1.57
N SER D 11 -26.45 1.46 -2.32
CA SER D 11 -26.97 1.42 -3.67
C SER D 11 -27.28 0.02 -4.10
N LYS D 12 -28.11 -0.08 -5.13
CA LYS D 12 -28.49 -1.37 -5.68
C LYS D 12 -27.28 -2.14 -6.21
N SER D 13 -26.25 -1.43 -6.63
CA SER D 13 -25.09 -2.14 -7.17
C SER D 13 -24.35 -2.96 -6.07
N ASP D 14 -24.65 -2.69 -4.79
CA ASP D 14 -24.13 -3.50 -3.67
C ASP D 14 -24.88 -4.84 -3.48
N TRP D 15 -26.04 -5.02 -4.13
CA TRP D 15 -26.89 -6.22 -3.92
C TRP D 15 -26.18 -7.55 -4.22
N SER D 16 -25.35 -7.58 -5.25
CA SER D 16 -24.65 -8.80 -5.61
C SER D 16 -23.78 -9.26 -4.45
N THR D 17 -23.31 -8.33 -3.62
CA THR D 17 -22.61 -8.66 -2.40
C THR D 17 -23.56 -8.93 -1.26
N LYS D 19 -26.75 -9.60 -1.11
CA LYS D 19 -27.59 -10.78 -1.25
C LYS D 19 -27.05 -12.01 -0.49
N GLU D 20 -25.72 -12.13 -0.39
CA GLU D 20 -25.07 -13.31 0.24
C GLU D 20 -25.26 -13.32 1.74
N CYS D 21 -25.23 -12.12 2.32
CA CYS D 21 -25.66 -11.86 3.68
C CYS D 21 -27.07 -12.38 3.91
N CYS D 22 -28.02 -11.93 3.08
CA CYS D 22 -29.41 -12.27 3.31
C CYS D 22 -29.66 -13.79 3.16
N ASP D 23 -28.99 -14.42 2.20
CA ASP D 23 -29.15 -15.86 2.00
C ASP D 23 -28.81 -16.62 3.29
N ILE D 24 -27.75 -16.20 3.95
CA ILE D 24 -27.35 -16.86 5.20
C ILE D 24 -28.37 -16.61 6.29
N LEU D 25 -28.89 -15.38 6.34
CA LEU D 25 -29.91 -15.02 7.32
C LEU D 25 -31.13 -15.93 7.14
N ASP D 26 -31.56 -16.08 5.88
CA ASP D 26 -32.62 -17.05 5.54
C ASP D 26 -32.36 -18.47 5.98
N ASN D 27 -31.18 -18.97 5.66
CA ASN D 27 -30.82 -20.33 6.00
C ASN D 27 -30.86 -20.54 7.52
N LEU D 28 -30.40 -19.56 8.30
CA LEU D 28 -30.45 -19.68 9.75
C LEU D 28 -31.83 -19.38 10.38
N GLY D 29 -32.85 -19.15 9.56
CA GLY D 29 -34.19 -18.86 10.06
C GLY D 29 -34.32 -17.52 10.78
N ILE D 30 -33.49 -16.55 10.41
CA ILE D 30 -33.49 -15.24 11.05
C ILE D 30 -34.31 -14.25 10.23
N GLY D 31 -35.24 -13.56 10.89
CA GLY D 31 -36.06 -12.55 10.22
C GLY D 31 -35.24 -11.29 9.97
N TYR D 32 -35.41 -10.71 8.78
CA TYR D 32 -34.70 -9.50 8.41
C TYR D 32 -35.49 -8.68 7.39
N GLU D 33 -35.06 -7.45 7.19
CA GLU D 33 -35.54 -6.63 6.07
C GLU D 33 -34.27 -6.18 5.36
N CYS D 34 -34.34 -5.98 4.05
CA CYS D 34 -33.23 -5.43 3.27
C CYS D 34 -33.71 -4.19 2.51
N GLU D 35 -32.86 -3.16 2.49
CA GLU D 35 -33.31 -1.85 2.00
C GLU D 35 -32.13 -1.04 1.50
N VAL D 36 -32.32 -0.31 0.40
CA VAL D 36 -31.27 0.61 -0.07
C VAL D 36 -31.50 1.92 0.70
N VAL D 37 -30.45 2.38 1.39
CA VAL D 37 -30.43 3.61 2.18
C VAL D 37 -29.04 4.23 1.97
N SER D 38 -28.97 5.37 1.31
CA SER D 38 -27.70 5.97 0.89
C SER D 38 -27.34 7.05 1.88
N ALA D 39 -26.15 6.99 2.46
CA ALA D 39 -25.71 8.03 3.40
C ALA D 39 -25.57 9.38 2.72
N HIS D 40 -25.21 9.38 1.44
CA HIS D 40 -24.90 10.62 0.74
C HIS D 40 -26.08 11.20 -0.04
N ARG D 41 -26.86 10.33 -0.71
CA ARG D 41 -28.02 10.73 -1.49
C ARG D 41 -29.34 10.77 -0.67
N THR D 42 -29.47 9.97 0.41
CA THR D 42 -30.68 9.99 1.28
C THR D 42 -30.31 10.13 2.74
N PRO D 43 -29.56 11.21 3.09
CA PRO D 43 -29.02 11.30 4.44
C PRO D 43 -30.11 11.35 5.49
N ASP D 44 -31.25 11.97 5.17
CA ASP D 44 -32.34 12.13 6.16
C ASP D 44 -33.06 10.80 6.43
N LYS D 45 -33.38 10.05 5.38
CA LYS D 45 -33.88 8.68 5.53
C LYS D 45 -32.92 7.79 6.28
N PHE D 47 -30.66 8.83 8.67
CA PHE D 47 -30.89 9.18 10.07
C PHE D 47 -32.20 8.61 10.62
N ASP D 48 -33.28 8.76 9.86
CA ASP D 48 -34.57 8.23 10.27
C ASP D 48 -34.51 6.71 10.52
N TYR D 49 -33.96 5.96 9.57
CA TYR D 49 -33.81 4.50 9.72
C TYR D 49 -33.03 4.09 10.99
N ALA D 50 -31.87 4.71 11.18
CA ALA D 50 -31.03 4.44 12.32
C ALA D 50 -31.76 4.75 13.63
N GLU D 51 -32.38 5.93 13.68
CA GLU D 51 -33.14 6.41 14.85
C GLU D 51 -34.22 5.51 15.33
N THR D 52 -34.98 4.97 14.39
CA THR D 52 -36.18 4.24 14.69
C THR D 52 -35.95 2.73 14.81
N ALA D 53 -34.76 2.25 14.42
CA ALA D 53 -34.44 0.81 14.37
C ALA D 53 -34.79 0.03 15.65
N LYS D 54 -34.24 0.48 16.77
CA LYS D 54 -34.53 -0.15 18.08
C LYS D 54 -36.01 -0.17 18.44
N GLU D 55 -36.70 0.96 18.32
CA GLU D 55 -38.13 0.95 18.63
C GLU D 55 -38.95 0.17 17.57
N ARG D 56 -38.38 -0.10 16.40
CA ARG D 56 -39.08 -0.97 15.43
C ARG D 56 -38.77 -2.45 15.68
N GLY D 57 -37.98 -2.75 16.70
CA GLY D 57 -37.75 -4.15 17.10
C GLY D 57 -36.50 -4.77 16.50
N LEU D 58 -35.70 -4.01 15.77
CA LEU D 58 -34.43 -4.50 15.24
C LEU D 58 -33.44 -4.66 16.36
N LYS D 59 -32.57 -5.66 16.25
CA LYS D 59 -31.55 -5.93 17.25
C LYS D 59 -30.16 -5.74 16.71
N VAL D 60 -30.00 -5.87 15.39
CA VAL D 60 -28.73 -5.63 14.72
C VAL D 60 -28.95 -5.01 13.36
N ILE D 61 -28.00 -4.17 12.94
CA ILE D 61 -27.98 -3.62 11.61
C ILE D 61 -26.67 -4.01 10.90
N ILE D 62 -26.82 -4.55 9.71
CA ILE D 62 -25.74 -4.81 8.81
C ILE D 62 -25.79 -3.83 7.66
N ALA D 63 -24.71 -3.05 7.51
CA ALA D 63 -24.60 -2.02 6.49
C ALA D 63 -23.43 -2.28 5.58
N GLY D 64 -23.67 -2.23 4.29
CA GLY D 64 -22.64 -2.40 3.29
C GLY D 64 -22.49 -1.10 2.52
N ALA D 65 -21.27 -0.80 2.13
CA ALA D 65 -20.99 0.38 1.33
C ALA D 65 -19.59 0.26 0.77
N GLY D 66 -19.35 0.90 -0.37
CA GLY D 66 -18.02 0.96 -0.99
C GLY D 66 -17.47 2.37 -1.17
N GLY D 67 -16.18 2.44 -1.51
CA GLY D 67 -15.50 3.69 -1.76
C GLY D 67 -15.27 4.42 -0.45
N ALA D 68 -15.56 5.73 -0.47
CA ALA D 68 -15.76 6.52 0.75
C ALA D 68 -17.06 6.02 1.38
N ALA D 69 -16.90 4.94 2.15
CA ALA D 69 -18.01 4.18 2.70
C ALA D 69 -18.39 4.76 4.06
N HIS D 70 -19.44 5.59 4.11
CA HIS D 70 -19.82 6.26 5.35
C HIS D 70 -21.09 5.66 5.98
N LEU D 71 -21.82 4.82 5.25
CA LEU D 71 -23.13 4.32 5.73
C LEU D 71 -23.02 3.63 7.09
N PRO D 72 -22.14 2.59 7.21
CA PRO D 72 -22.07 1.91 8.49
C PRO D 72 -21.77 2.82 9.67
N GLY D 73 -20.83 3.75 9.53
CA GLY D 73 -20.44 4.62 10.67
C GLY D 73 -21.47 5.67 11.02
N VAL D 75 -24.80 5.38 10.54
CA VAL D 75 -25.85 4.61 11.22
C VAL D 75 -25.45 4.35 12.67
N ALA D 76 -24.23 3.87 12.89
CA ALA D 76 -23.70 3.64 14.22
C ALA D 76 -23.73 4.89 15.11
N ALA D 77 -23.52 6.08 14.53
CA ALA D 77 -23.60 7.31 15.30
C ALA D 77 -25.03 7.68 15.74
N LYS D 78 -26.02 7.04 15.13
CA LYS D 78 -27.44 7.39 15.29
C LYS D 78 -28.30 6.24 15.90
N THR D 79 -27.69 5.11 16.26
CA THR D 79 -28.39 4.04 16.96
C THR D 79 -27.51 3.47 18.08
N THR D 80 -28.14 2.94 19.13
CA THR D 80 -27.40 2.22 20.18
C THR D 80 -27.23 0.75 19.82
N LEU D 81 -27.93 0.28 18.81
CA LEU D 81 -27.76 -1.08 18.36
C LEU D 81 -26.36 -1.33 17.77
N PRO D 82 -25.87 -2.55 17.91
CA PRO D 82 -24.62 -2.92 17.28
C PRO D 82 -24.78 -2.88 15.76
N VAL D 83 -23.81 -2.31 15.08
CA VAL D 83 -23.81 -2.17 13.63
C VAL D 83 -22.58 -2.90 13.07
N LEU D 84 -22.86 -3.69 12.05
CA LEU D 84 -21.89 -4.53 11.39
C LEU D 84 -21.60 -3.88 10.07
N GLY D 85 -20.33 -3.72 9.73
CA GLY D 85 -19.97 -3.09 8.48
C GLY D 85 -19.33 -4.04 7.47
N VAL D 86 -19.85 -4.00 6.26
CA VAL D 86 -19.37 -4.79 5.15
C VAL D 86 -18.75 -3.92 4.06
N PRO D 87 -17.43 -4.05 3.84
CA PRO D 87 -16.85 -3.23 2.80
C PRO D 87 -17.07 -3.86 1.45
N VAL D 88 -17.74 -3.13 0.59
CA VAL D 88 -18.02 -3.60 -0.74
C VAL D 88 -16.81 -3.29 -1.59
N LYS D 89 -16.44 -4.31 -2.35
CA LYS D 89 -15.37 -4.25 -3.31
C LYS D 89 -15.69 -3.15 -4.32
N SER D 90 -14.88 -2.11 -4.22
CA SER D 90 -14.88 -0.98 -5.11
C SER D 90 -14.15 -1.38 -6.40
N SER D 91 -14.60 -0.83 -7.53
CA SER D 91 -14.02 -1.16 -8.83
C SER D 91 -12.60 -0.65 -8.97
N THR D 92 -12.31 0.52 -8.40
CA THR D 92 -11.01 1.12 -8.61
C THR D 92 -9.95 0.55 -7.65
N LEU D 93 -10.22 0.57 -6.34
CA LEU D 93 -9.22 0.18 -5.33
C LEU D 93 -9.51 -1.17 -4.63
N ASN D 94 -10.35 -2.01 -5.24
CA ASN D 94 -10.57 -3.36 -4.73
C ASN D 94 -11.01 -3.41 -3.26
N GLY D 95 -11.73 -2.38 -2.83
CA GLY D 95 -12.27 -2.28 -1.50
C GLY D 95 -11.31 -1.86 -0.40
N GLN D 96 -10.10 -1.45 -0.74
CA GLN D 96 -9.16 -0.88 0.24
C GLN D 96 -9.68 0.44 0.82
N ASP D 97 -10.23 1.28 -0.05
CA ASP D 97 -10.94 2.47 0.39
C ASP D 97 -12.15 2.14 1.30
N SER D 98 -13.01 1.23 0.84
CA SER D 98 -14.15 0.76 1.63
C SER D 98 -13.75 0.28 3.00
N LEU D 99 -12.71 -0.56 3.06
CA LEU D 99 -12.28 -1.15 4.30
C LEU D 99 -11.80 -0.10 5.32
N LEU D 100 -10.92 0.80 4.88
CA LEU D 100 -10.38 1.81 5.79
C LEU D 100 -11.44 2.82 6.26
N SER D 101 -12.39 3.14 5.37
CA SER D 101 -13.49 4.10 5.70
C SER D 101 -14.45 3.57 6.73
N ILE D 102 -14.47 2.24 6.89
CA ILE D 102 -15.38 1.58 7.80
C ILE D 102 -14.71 1.21 9.10
N VAL D 103 -13.55 0.54 9.03
CA VAL D 103 -12.91 0.00 10.21
C VAL D 103 -12.23 1.08 11.08
N GLN D 104 -11.69 2.12 10.45
CA GLN D 104 -10.89 3.14 11.19
C GLN D 104 -11.69 4.17 12.02
N PRO D 106 -12.78 6.37 14.93
CA PRO D 106 -12.13 6.74 16.22
C PRO D 106 -12.94 6.25 17.43
N ALA D 107 -12.35 6.28 18.63
CA ALA D 107 -13.00 5.87 19.88
C ALA D 107 -14.31 6.60 20.05
N GLY D 108 -15.34 5.88 20.44
CA GLY D 108 -16.64 6.48 20.78
C GLY D 108 -17.84 5.84 20.10
N ILE D 109 -17.68 5.55 18.81
CA ILE D 109 -18.75 5.01 17.96
C ILE D 109 -18.17 3.83 17.18
N PRO D 110 -18.41 2.59 17.67
CA PRO D 110 -17.84 1.42 16.99
C PRO D 110 -18.64 0.94 15.77
N VAL D 111 -17.94 0.35 14.81
CA VAL D 111 -18.55 -0.46 13.72
C VAL D 111 -17.72 -1.74 13.65
N ALA D 112 -18.35 -2.86 13.96
CA ALA D 112 -17.70 -4.13 13.82
C ALA D 112 -17.52 -4.37 12.33
N THR D 113 -16.28 -4.53 11.91
CA THR D 113 -15.96 -4.68 10.48
C THR D 113 -15.54 -6.06 10.07
N PHE D 114 -15.99 -6.48 8.89
CA PHE D 114 -15.70 -7.79 8.32
C PHE D 114 -15.00 -7.68 7.00
N ALA D 115 -14.68 -8.82 6.42
CA ALA D 115 -13.79 -8.84 5.25
C ALA D 115 -14.41 -8.13 4.06
N ILE D 116 -13.56 -7.68 3.15
CA ILE D 116 -13.99 -7.03 1.93
C ILE D 116 -14.77 -8.01 1.10
N GLY D 117 -15.92 -7.58 0.62
CA GLY D 117 -16.69 -8.36 -0.30
C GLY D 117 -17.58 -9.41 0.32
N ALA D 119 -17.24 -12.45 1.26
CA ALA D 119 -16.79 -13.11 2.51
C ALA D 119 -17.27 -12.35 3.76
N GLY D 120 -17.12 -11.04 3.75
CA GLY D 120 -17.59 -10.21 4.84
C GLY D 120 -19.10 -10.15 4.96
N ALA D 121 -19.80 -10.11 3.83
CA ALA D 121 -21.28 -10.19 3.81
C ALA D 121 -21.82 -11.45 4.49
N LYS D 122 -21.29 -12.58 4.06
CA LYS D 122 -21.58 -13.87 4.71
C LYS D 122 -21.25 -13.85 6.21
N ASN D 123 -20.07 -13.39 6.57
CA ASN D 123 -19.66 -13.35 7.98
C ASN D 123 -20.42 -12.37 8.85
N ALA D 124 -20.85 -11.26 8.25
CA ALA D 124 -21.72 -10.32 8.96
C ALA D 124 -23.01 -11.00 9.45
N ALA D 125 -23.64 -11.78 8.58
CA ALA D 125 -24.81 -12.53 8.93
C ALA D 125 -24.54 -13.57 10.03
N LEU D 126 -23.45 -14.31 9.90
CA LEU D 126 -23.09 -15.34 10.87
C LEU D 126 -22.76 -14.67 12.19
N PHE D 127 -22.16 -13.48 12.14
CA PHE D 127 -21.87 -12.72 13.36
C PHE D 127 -23.15 -12.17 14.03
N ALA D 128 -24.08 -11.71 13.22
CA ALA D 128 -25.37 -11.30 13.79
C ALA D 128 -26.07 -12.49 14.48
N ALA D 129 -25.96 -13.68 13.89
CA ALA D 129 -26.52 -14.89 14.48
C ALA D 129 -25.85 -15.17 15.82
N SER D 130 -24.55 -14.90 15.95
CA SER D 130 -23.87 -15.10 17.23
C SER D 130 -24.28 -14.08 18.32
N ILE D 131 -24.75 -12.90 17.91
CA ILE D 131 -25.36 -11.91 18.85
C ILE D 131 -26.73 -12.42 19.29
N LEU D 132 -27.54 -12.82 18.32
CA LEU D 132 -28.95 -13.18 18.59
C LEU D 132 -29.10 -14.50 19.33
N GLN D 133 -28.13 -15.39 19.19
CA GLN D 133 -28.23 -16.73 19.74
C GLN D 133 -28.47 -16.71 21.26
N HIS D 134 -27.96 -15.71 21.96
CA HIS D 134 -28.05 -15.66 23.42
C HIS D 134 -29.52 -15.57 23.91
N THR D 135 -30.42 -14.98 23.12
CA THR D 135 -31.84 -14.94 23.52
C THR D 135 -32.76 -15.66 22.56
N ASP D 136 -32.22 -16.40 21.61
CA ASP D 136 -33.05 -17.09 20.67
C ASP D 136 -32.56 -18.54 20.49
N ILE D 137 -33.26 -19.47 21.11
CA ILE D 137 -32.88 -20.87 21.10
C ILE D 137 -32.70 -21.43 19.69
N ASN D 138 -33.65 -21.18 18.79
CA ASN D 138 -33.58 -21.76 17.46
C ASN D 138 -32.44 -21.21 16.60
N ILE D 139 -32.06 -19.96 16.84
CA ILE D 139 -30.93 -19.36 16.16
C ILE D 139 -29.62 -19.94 16.69
N ALA D 140 -29.51 -20.11 18.02
CA ALA D 140 -28.41 -20.89 18.63
C ALA D 140 -28.29 -22.25 17.95
N LYS D 141 -29.41 -22.95 17.82
CA LYS D 141 -29.45 -24.28 17.17
C LYS D 141 -28.93 -24.23 15.75
N ALA D 142 -29.41 -23.25 14.98
CA ALA D 142 -29.12 -23.16 13.56
C ALA D 142 -27.67 -22.80 13.32
N LEU D 143 -27.10 -21.98 14.21
CA LEU D 143 -25.71 -21.55 14.07
C LEU D 143 -24.76 -22.70 14.42
N ALA D 144 -25.08 -23.44 15.49
CA ALA D 144 -24.36 -24.67 15.87
C ALA D 144 -24.32 -25.63 14.68
N GLU D 145 -25.48 -25.88 14.10
CA GLU D 145 -25.60 -26.76 12.97
C GLU D 145 -24.82 -26.28 11.71
N PHE D 146 -24.90 -25.00 11.38
CA PHE D 146 -24.09 -24.42 10.29
C PHE D 146 -22.61 -24.70 10.45
N ARG D 147 -22.11 -24.46 11.66
CA ARG D 147 -20.72 -24.70 11.95
C ARG D 147 -20.35 -26.18 11.93
N ALA D 148 -21.23 -27.03 12.43
CA ALA D 148 -21.02 -28.48 12.37
C ALA D 148 -20.96 -28.95 10.91
N GLU D 149 -21.85 -28.41 10.07
CA GLU D 149 -21.93 -28.84 8.66
C GLU D 149 -20.70 -28.38 7.90
N GLN D 150 -20.16 -27.20 8.22
CA GLN D 150 -18.98 -26.69 7.47
C GLN D 150 -17.71 -27.48 7.86
N THR D 151 -17.67 -27.92 9.11
CA THR D 151 -16.60 -28.77 9.61
C THR D 151 -16.69 -30.14 8.98
N ARG D 152 -17.90 -30.70 8.89
CA ARG D 152 -18.10 -32.00 8.24
C ARG D 152 -17.74 -31.97 6.77
N PHE D 153 -18.12 -30.92 6.04
CA PHE D 153 -17.76 -30.84 4.63
C PHE D 153 -16.26 -31.01 4.36
N VAL D 154 -15.43 -30.37 5.16
CA VAL D 154 -13.99 -30.45 5.01
C VAL D 154 -13.48 -31.82 5.46
N LEU D 155 -14.04 -32.36 6.56
CA LEU D 155 -13.67 -33.72 7.03
C LEU D 155 -13.97 -34.84 6.01
N GLU D 156 -15.07 -34.68 5.28
CA GLU D 156 -15.51 -35.60 4.22
C GLU D 156 -14.78 -35.42 2.90
N ASN D 157 -14.07 -34.32 2.69
CA ASN D 157 -13.33 -34.08 1.45
C ASN D 157 -11.84 -33.76 1.70
N PRO D 158 -11.09 -34.70 2.31
CA PRO D 158 -9.69 -34.39 2.70
C PRO D 158 -8.71 -34.36 1.54
N ASP D 159 -9.01 -35.08 0.47
CA ASP D 159 -8.05 -35.32 -0.59
C ASP D 159 -8.33 -34.35 -1.73
N PRO D 160 -7.51 -33.28 -1.86
CA PRO D 160 -7.80 -32.32 -2.90
C PRO D 160 -7.72 -32.87 -4.33
N ARG D 161 -7.12 -34.05 -4.55
CA ARG D 161 -7.15 -34.70 -5.87
C ARG D 161 -8.49 -35.36 -6.19
N GLU D 162 -9.43 -35.40 -5.24
CA GLU D 162 -10.77 -35.95 -5.52
C GLU D 162 -11.30 -35.39 -6.84
N HIS D 163 -12.00 -36.20 -7.62
CA HIS D 163 -12.52 -35.72 -8.92
C HIS D 163 -13.80 -36.44 -9.38
N VAL E 3 -19.42 29.85 -22.36
CA VAL E 3 -18.30 28.90 -22.01
C VAL E 3 -17.55 29.28 -20.72
N GLN E 4 -17.91 28.61 -19.62
CA GLN E 4 -17.41 28.96 -18.29
C GLN E 4 -16.48 27.90 -17.69
N VAL E 5 -16.56 26.69 -18.21
CA VAL E 5 -15.78 25.59 -17.70
C VAL E 5 -14.86 25.02 -18.80
N GLY E 6 -13.56 24.99 -18.55
CA GLY E 6 -12.62 24.36 -19.49
C GLY E 6 -12.39 22.95 -19.01
N VAL E 7 -12.77 21.95 -19.80
CA VAL E 7 -12.50 20.55 -19.51
C VAL E 7 -11.34 20.05 -20.37
N ILE E 8 -10.25 19.68 -19.71
CA ILE E 8 -9.03 19.29 -20.43
C ILE E 8 -8.48 17.97 -19.89
N GLY E 10 -4.86 15.07 -20.48
CA GLY E 10 -3.55 14.77 -21.03
C GLY E 10 -3.51 14.03 -22.34
N SER E 11 -4.48 13.13 -22.59
CA SER E 11 -4.54 12.34 -23.81
C SER E 11 -5.96 11.89 -24.18
N LYS E 12 -6.14 11.43 -25.43
CA LYS E 12 -7.45 10.96 -25.92
C LYS E 12 -7.98 9.76 -25.17
N SER E 13 -7.08 8.91 -24.69
CA SER E 13 -7.48 7.73 -23.94
C SER E 13 -8.24 8.10 -22.66
N ASP E 14 -8.10 9.35 -22.20
CA ASP E 14 -8.81 9.84 -21.03
C ASP E 14 -10.26 10.19 -21.29
N TRP E 15 -10.70 10.11 -22.54
CA TRP E 15 -12.02 10.56 -22.91
C TRP E 15 -13.11 9.70 -22.28
N SER E 16 -12.93 8.38 -22.29
CA SER E 16 -13.91 7.49 -21.69
C SER E 16 -14.24 7.93 -20.26
N THR E 17 -13.25 8.49 -19.53
CA THR E 17 -13.49 9.06 -18.22
C THR E 17 -14.09 10.47 -18.33
N LYS E 19 -15.59 12.27 -20.63
CA LYS E 19 -16.88 12.42 -21.24
C LYS E 19 -18.03 12.52 -20.23
N GLU E 20 -17.89 11.83 -19.10
CA GLU E 20 -18.94 11.81 -18.09
C GLU E 20 -19.04 13.12 -17.36
N CYS E 21 -17.90 13.82 -17.26
CA CYS E 21 -17.85 15.19 -16.74
C CYS E 21 -18.62 16.11 -17.67
N CYS E 22 -18.29 16.10 -18.96
CA CYS E 22 -18.97 16.93 -19.96
C CYS E 22 -20.48 16.66 -20.01
N ASP E 23 -20.87 15.37 -19.89
CA ASP E 23 -22.29 14.98 -19.90
C ASP E 23 -23.04 15.66 -18.78
N ILE E 24 -22.47 15.67 -17.59
CA ILE E 24 -23.11 16.38 -16.47
C ILE E 24 -23.27 17.89 -16.74
N LEU E 25 -22.20 18.55 -17.18
CA LEU E 25 -22.24 19.96 -17.54
C LEU E 25 -23.35 20.29 -18.58
N ASP E 26 -23.45 19.46 -19.64
CA ASP E 26 -24.61 19.50 -20.58
C ASP E 26 -25.96 19.41 -19.92
N ASN E 27 -26.12 18.41 -19.04
CA ASN E 27 -27.39 18.21 -18.33
C ASN E 27 -27.79 19.42 -17.51
N LEU E 28 -26.81 20.03 -16.84
CA LEU E 28 -27.01 21.22 -16.02
C LEU E 28 -27.02 22.58 -16.78
N GLY E 29 -26.93 22.54 -18.11
CA GLY E 29 -26.98 23.76 -18.92
C GLY E 29 -25.78 24.67 -18.73
N ILE E 30 -24.60 24.08 -18.54
CA ILE E 30 -23.37 24.83 -18.31
C ILE E 30 -22.50 24.79 -19.55
N GLY E 31 -22.16 25.96 -20.06
CA GLY E 31 -21.24 26.09 -21.16
C GLY E 31 -19.85 25.61 -20.79
N TYR E 32 -19.30 24.80 -21.67
CA TYR E 32 -17.97 24.28 -21.51
C TYR E 32 -17.32 24.05 -22.87
N GLU E 33 -16.00 23.89 -22.82
CA GLU E 33 -15.24 23.36 -23.95
C GLU E 33 -14.45 22.17 -23.40
N CYS E 34 -14.18 21.16 -24.24
CA CYS E 34 -13.31 20.04 -23.89
C CYS E 34 -12.19 19.94 -24.92
N GLU E 35 -11.01 19.53 -24.46
CA GLU E 35 -9.80 19.64 -25.25
C GLU E 35 -8.69 18.73 -24.71
N VAL E 36 -7.96 18.09 -25.61
CA VAL E 36 -6.73 17.39 -25.21
C VAL E 36 -5.55 18.38 -25.13
N VAL E 37 -5.05 18.59 -23.91
CA VAL E 37 -3.87 19.42 -23.62
C VAL E 37 -2.87 18.58 -22.79
N SER E 38 -1.67 18.34 -23.33
CA SER E 38 -0.73 17.46 -22.68
C SER E 38 0.35 18.25 -21.97
N ALA E 39 0.48 18.02 -20.66
CA ALA E 39 1.53 18.67 -19.88
C ALA E 39 2.91 18.24 -20.36
N HIS E 40 3.10 16.98 -20.75
CA HIS E 40 4.43 16.50 -21.12
C HIS E 40 4.72 16.60 -22.64
N ARG E 41 3.69 16.46 -23.47
CA ARG E 41 3.85 16.48 -24.94
C ARG E 41 3.50 17.84 -25.56
N THR E 42 2.66 18.66 -24.90
CA THR E 42 2.39 20.01 -25.39
C THR E 42 2.51 21.03 -24.23
N PRO E 43 3.70 21.09 -23.60
CA PRO E 43 3.87 21.96 -22.43
C PRO E 43 3.64 23.44 -22.74
N ASP E 44 4.03 23.90 -23.92
CA ASP E 44 3.80 25.31 -24.30
C ASP E 44 2.31 25.61 -24.46
N LYS E 45 1.61 24.80 -25.21
CA LYS E 45 0.19 24.96 -25.33
C LYS E 45 -0.49 25.01 -23.95
N PHE E 47 0.77 25.89 -20.89
CA PHE E 47 1.07 27.17 -20.31
C PHE E 47 0.13 28.21 -20.93
N ASP E 48 -0.01 28.23 -22.24
CA ASP E 48 -0.87 29.18 -22.97
C ASP E 48 -2.33 29.03 -22.54
N TYR E 49 -2.81 27.79 -22.49
CA TYR E 49 -4.21 27.53 -22.12
C TYR E 49 -4.51 28.09 -20.72
N ALA E 50 -3.64 27.77 -19.76
CA ALA E 50 -3.80 28.24 -18.40
C ALA E 50 -3.73 29.78 -18.32
N GLU E 51 -2.72 30.37 -18.96
CA GLU E 51 -2.53 31.84 -19.00
C GLU E 51 -3.74 32.61 -19.50
N THR E 52 -4.30 32.15 -20.62
CA THR E 52 -5.37 32.87 -21.28
C THR E 52 -6.79 32.52 -20.79
N ALA E 53 -6.94 31.53 -19.91
CA ALA E 53 -8.26 31.03 -19.52
C ALA E 53 -9.20 32.11 -18.95
N LYS E 54 -8.72 32.92 -18.00
CA LYS E 54 -9.56 33.92 -17.41
C LYS E 54 -10.00 34.94 -18.45
N GLU E 55 -9.06 35.46 -19.23
CA GLU E 55 -9.42 36.46 -20.23
C GLU E 55 -10.33 35.86 -21.34
N ARG E 56 -10.28 34.55 -21.55
CA ARG E 56 -11.20 33.92 -22.52
C ARG E 56 -12.61 33.67 -21.92
N GLY E 57 -12.81 34.01 -20.65
CA GLY E 57 -14.10 33.86 -20.00
C GLY E 57 -14.31 32.65 -19.12
N LEU E 58 -13.33 31.75 -18.98
CA LEU E 58 -13.53 30.56 -18.15
C LEU E 58 -13.51 30.94 -16.68
N LYS E 59 -14.32 30.24 -15.86
CA LYS E 59 -14.38 30.47 -14.40
C LYS E 59 -13.78 29.29 -13.64
N VAL E 60 -13.74 28.12 -14.27
CA VAL E 60 -13.17 26.93 -13.66
C VAL E 60 -12.53 26.04 -14.71
N ILE E 61 -11.46 25.36 -14.34
CA ILE E 61 -10.82 24.39 -15.22
C ILE E 61 -10.86 23.05 -14.55
N ILE E 62 -11.34 22.04 -15.29
CA ILE E 62 -11.34 20.64 -14.86
C ILE E 62 -10.32 19.88 -15.70
N ALA E 63 -9.34 19.27 -15.04
CA ALA E 63 -8.23 18.62 -15.72
C ALA E 63 -8.07 17.22 -15.20
N GLY E 64 -8.03 16.28 -16.14
CA GLY E 64 -7.79 14.88 -15.85
C GLY E 64 -6.47 14.36 -16.39
N ALA E 65 -5.84 13.49 -15.65
CA ALA E 65 -4.61 12.85 -16.11
C ALA E 65 -4.39 11.64 -15.26
N GLY E 66 -3.59 10.75 -15.80
CA GLY E 66 -3.26 9.46 -15.20
C GLY E 66 -1.76 9.25 -15.12
N GLY E 67 -1.37 8.29 -14.28
CA GLY E 67 0.02 7.98 -14.09
C GLY E 67 0.66 9.03 -13.20
N ALA E 68 1.83 9.47 -13.62
CA ALA E 68 2.50 10.68 -13.16
C ALA E 68 1.70 11.87 -13.68
N ALA E 69 0.64 12.20 -12.93
CA ALA E 69 -0.38 13.14 -13.39
C ALA E 69 -0.02 14.56 -12.95
N HIS E 70 0.49 15.32 -13.90
CA HIS E 70 1.07 16.63 -13.64
C HIS E 70 0.20 17.77 -14.16
N LEU E 71 -0.71 17.45 -15.07
CA LEU E 71 -1.54 18.45 -15.75
C LEU E 71 -2.33 19.36 -14.79
N PRO E 72 -3.08 18.80 -13.85
CA PRO E 72 -3.77 19.77 -12.97
C PRO E 72 -2.87 20.72 -12.14
N GLY E 73 -1.81 20.20 -11.55
CA GLY E 73 -0.93 21.00 -10.71
C GLY E 73 -0.34 22.13 -11.53
N VAL E 75 -1.37 23.46 -14.47
CA VAL E 75 -2.36 24.45 -14.89
C VAL E 75 -2.63 25.39 -13.71
N ALA E 76 -2.76 24.81 -12.53
CA ALA E 76 -3.01 25.55 -11.29
C ALA E 76 -1.90 26.56 -11.00
N ALA E 77 -0.67 26.17 -11.31
CA ALA E 77 0.49 27.05 -11.11
C ALA E 77 0.48 28.31 -12.01
N LYS E 78 -0.28 28.24 -13.11
CA LYS E 78 -0.28 29.23 -14.20
C LYS E 78 -1.61 29.96 -14.45
N THR E 79 -2.61 29.72 -13.60
CA THR E 79 -3.87 30.49 -13.60
C THR E 79 -4.32 30.76 -12.18
N THR E 80 -5.07 31.85 -12.00
CA THR E 80 -5.66 32.22 -10.72
C THR E 80 -7.03 31.56 -10.52
N LEU E 81 -7.54 30.91 -11.56
CA LEU E 81 -8.82 30.19 -11.49
C LEU E 81 -8.72 28.91 -10.69
N PRO E 82 -9.81 28.55 -10.00
CA PRO E 82 -9.85 27.24 -9.36
C PRO E 82 -9.71 26.11 -10.37
N VAL E 83 -8.83 25.17 -10.06
CA VAL E 83 -8.59 24.01 -10.89
C VAL E 83 -9.04 22.75 -10.11
N LEU E 84 -9.83 21.93 -10.79
CA LEU E 84 -10.32 20.68 -10.28
C LEU E 84 -9.54 19.57 -10.98
N GLY E 85 -9.04 18.64 -10.18
CA GLY E 85 -8.26 17.48 -10.67
C GLY E 85 -9.03 16.16 -10.60
N VAL E 86 -9.09 15.48 -11.73
CA VAL E 86 -9.68 14.13 -11.82
C VAL E 86 -8.56 13.13 -12.06
N PRO E 87 -8.29 12.27 -11.07
CA PRO E 87 -7.31 11.20 -11.33
C PRO E 87 -7.90 10.12 -12.28
N VAL E 88 -7.23 9.89 -13.41
CA VAL E 88 -7.70 8.88 -14.33
C VAL E 88 -7.09 7.55 -13.93
N LYS E 89 -7.91 6.51 -14.07
CA LYS E 89 -7.50 5.16 -13.68
C LYS E 89 -6.47 4.66 -14.67
N SER E 90 -5.27 4.43 -14.12
CA SER E 90 -4.12 3.91 -14.83
C SER E 90 -4.25 2.38 -14.86
N SER E 91 -3.68 1.76 -15.89
CA SER E 91 -3.81 0.31 -16.06
C SER E 91 -2.98 -0.51 -15.04
N THR E 92 -1.80 -0.04 -14.66
CA THR E 92 -0.94 -0.83 -13.77
C THR E 92 -1.31 -0.68 -12.28
N LEU E 93 -1.52 0.55 -11.80
CA LEU E 93 -1.71 0.83 -10.37
C LEU E 93 -3.13 1.34 -9.95
N ASN E 94 -4.11 1.13 -10.82
CA ASN E 94 -5.51 1.45 -10.51
C ASN E 94 -5.80 2.89 -10.12
N GLY E 95 -4.96 3.80 -10.56
CA GLY E 95 -5.08 5.22 -10.24
C GLY E 95 -4.48 5.65 -8.92
N GLN E 96 -3.81 4.76 -8.19
CA GLN E 96 -3.11 5.16 -6.96
C GLN E 96 -2.05 6.21 -7.27
N ASP E 97 -1.30 5.97 -8.34
CA ASP E 97 -0.34 6.95 -8.82
C ASP E 97 -0.97 8.29 -9.25
N SER E 98 -2.05 8.23 -10.04
CA SER E 98 -2.78 9.43 -10.47
C SER E 98 -3.23 10.21 -9.27
N LEU E 99 -3.84 9.51 -8.32
CA LEU E 99 -4.38 10.21 -7.17
C LEU E 99 -3.30 10.97 -6.37
N LEU E 100 -2.22 10.29 -6.05
CA LEU E 100 -1.17 10.88 -5.21
C LEU E 100 -0.47 12.03 -5.93
N SER E 101 -0.31 11.87 -7.25
CA SER E 101 0.32 12.89 -8.08
C SER E 101 -0.48 14.17 -8.19
N ILE E 102 -1.79 14.11 -7.97
CA ILE E 102 -2.68 15.26 -8.07
C ILE E 102 -2.93 15.90 -6.72
N VAL E 103 -3.31 15.08 -5.73
CA VAL E 103 -3.79 15.59 -4.45
C VAL E 103 -2.69 16.13 -3.50
N GLN E 104 -1.48 15.56 -3.57
CA GLN E 104 -0.39 15.89 -2.62
C GLN E 104 0.40 17.18 -2.97
N PRO E 106 2.02 20.61 -2.36
CA PRO E 106 2.41 21.33 -1.19
C PRO E 106 1.67 22.66 -1.15
N ALA E 107 1.75 23.30 0.02
CA ALA E 107 1.12 24.58 0.35
C ALA E 107 1.53 25.64 -0.65
N GLY E 108 0.55 26.36 -1.20
CA GLY E 108 0.85 27.45 -2.11
C GLY E 108 0.05 27.49 -3.40
N ILE E 109 -0.11 26.32 -4.02
CA ILE E 109 -0.87 26.16 -5.25
C ILE E 109 -1.81 24.98 -5.05
N PRO E 110 -3.11 25.23 -4.85
CA PRO E 110 -4.01 24.13 -4.58
C PRO E 110 -4.57 23.48 -5.82
N VAL E 111 -4.88 22.17 -5.72
CA VAL E 111 -5.75 21.48 -6.69
C VAL E 111 -6.84 20.74 -5.91
N ALA E 112 -8.10 21.03 -6.21
CA ALA E 112 -9.23 20.34 -5.60
C ALA E 112 -9.35 19.01 -6.30
N THR E 113 -9.10 17.93 -5.57
CA THR E 113 -9.11 16.58 -6.14
C THR E 113 -10.30 15.75 -5.74
N PHE E 114 -10.81 14.98 -6.72
CA PHE E 114 -11.97 14.11 -6.61
C PHE E 114 -11.61 12.67 -6.82
N ALA E 115 -12.61 11.78 -6.69
CA ALA E 115 -12.40 10.33 -6.80
C ALA E 115 -11.65 9.93 -8.06
N ILE E 116 -10.92 8.81 -7.96
CA ILE E 116 -10.29 8.19 -9.11
C ILE E 116 -11.39 7.75 -10.07
N GLY E 117 -11.22 8.02 -11.36
CA GLY E 117 -12.10 7.45 -12.40
C GLY E 117 -13.36 8.28 -12.66
N ALA E 119 -16.20 8.53 -11.24
CA ALA E 119 -16.86 9.15 -10.10
C ALA E 119 -16.35 10.56 -9.84
N GLY E 120 -15.02 10.69 -9.92
CA GLY E 120 -14.38 11.99 -9.83
C GLY E 120 -14.70 12.92 -10.96
N ALA E 121 -14.75 12.36 -12.16
CA ALA E 121 -15.15 13.13 -13.38
C ALA E 121 -16.56 13.74 -13.27
N LYS E 122 -17.51 12.91 -12.88
CA LYS E 122 -18.88 13.38 -12.60
C LYS E 122 -18.87 14.39 -11.47
N ASN E 123 -18.19 14.09 -10.39
CA ASN E 123 -18.17 14.98 -9.24
C ASN E 123 -17.46 16.30 -9.51
N ALA E 124 -16.42 16.30 -10.34
CA ALA E 124 -15.79 17.55 -10.73
C ALA E 124 -16.81 18.49 -11.37
N ALA E 125 -17.62 17.94 -12.27
CA ALA E 125 -18.62 18.72 -12.96
C ALA E 125 -19.63 19.27 -11.98
N LEU E 126 -19.99 18.49 -10.99
CA LEU E 126 -20.98 18.95 -10.00
C LEU E 126 -20.43 20.03 -9.07
N PHE E 127 -19.16 19.91 -8.72
CA PHE E 127 -18.49 20.88 -7.85
C PHE E 127 -18.34 22.22 -8.58
N ALA E 128 -17.97 22.17 -9.86
CA ALA E 128 -17.97 23.37 -10.73
C ALA E 128 -19.34 24.07 -10.79
N ALA E 129 -20.43 23.28 -10.91
CA ALA E 129 -21.78 23.82 -10.76
C ALA E 129 -21.98 24.46 -9.40
N SER E 130 -21.52 23.83 -8.35
CA SER E 130 -21.67 24.43 -7.01
C SER E 130 -20.87 25.73 -6.90
N ILE E 131 -19.74 25.85 -7.60
CA ILE E 131 -19.05 27.15 -7.70
C ILE E 131 -19.87 28.19 -8.48
N LEU E 132 -20.44 27.80 -9.62
CA LEU E 132 -21.08 28.73 -10.54
C LEU E 132 -22.52 29.12 -10.17
N GLN E 133 -23.15 28.33 -9.31
CA GLN E 133 -24.53 28.57 -8.94
C GLN E 133 -24.71 29.92 -8.22
N HIS E 134 -23.66 30.40 -7.55
CA HIS E 134 -23.69 31.61 -6.71
C HIS E 134 -24.09 32.85 -7.50
N THR E 135 -23.87 32.80 -8.82
CA THR E 135 -24.09 33.92 -9.72
C THR E 135 -25.15 33.65 -10.81
N ASP E 136 -25.74 32.46 -10.84
CA ASP E 136 -26.77 32.17 -11.87
C ASP E 136 -27.86 31.25 -11.35
N ILE E 137 -29.10 31.77 -11.34
CA ILE E 137 -30.27 31.07 -10.78
C ILE E 137 -30.65 29.82 -11.56
N ASN E 138 -30.36 29.78 -12.85
CA ASN E 138 -30.68 28.60 -13.64
C ASN E 138 -29.75 27.43 -13.30
N ILE E 139 -28.50 27.72 -13.01
CA ILE E 139 -27.56 26.67 -12.66
C ILE E 139 -27.91 26.14 -11.28
N ALA E 140 -28.19 27.05 -10.32
CA ALA E 140 -28.67 26.67 -8.97
C ALA E 140 -29.88 25.74 -9.05
N LYS E 141 -30.85 26.10 -9.87
CA LYS E 141 -32.04 25.25 -10.07
C LYS E 141 -31.64 23.89 -10.65
N ALA E 142 -30.76 23.90 -11.65
CA ALA E 142 -30.31 22.68 -12.31
C ALA E 142 -29.61 21.74 -11.32
N LEU E 143 -28.74 22.30 -10.50
CA LEU E 143 -28.03 21.51 -9.52
C LEU E 143 -29.02 20.98 -8.44
N ALA E 144 -29.93 21.83 -7.97
CA ALA E 144 -30.91 21.42 -6.97
C ALA E 144 -31.81 20.30 -7.51
N GLU E 145 -32.18 20.42 -8.77
CA GLU E 145 -32.96 19.38 -9.45
C GLU E 145 -32.18 18.05 -9.62
N PHE E 146 -30.91 18.14 -9.96
CA PHE E 146 -30.07 16.95 -10.12
C PHE E 146 -30.00 16.16 -8.82
N ARG E 147 -29.78 16.89 -7.73
CA ARG E 147 -29.75 16.30 -6.39
C ARG E 147 -31.11 15.67 -6.07
N ALA E 148 -32.18 16.44 -6.25
CA ALA E 148 -33.51 15.90 -6.00
C ALA E 148 -33.74 14.61 -6.80
N GLU E 149 -33.25 14.56 -8.04
CA GLU E 149 -33.50 13.41 -8.94
C GLU E 149 -32.76 12.20 -8.36
N GLN E 150 -31.51 12.39 -7.97
CA GLN E 150 -30.70 11.28 -7.42
C GLN E 150 -31.26 10.77 -6.08
N THR E 151 -31.83 11.65 -5.28
CA THR E 151 -32.45 11.26 -4.02
C THR E 151 -33.71 10.45 -4.26
N ARG E 152 -34.57 10.97 -5.12
CA ARG E 152 -35.80 10.30 -5.52
C ARG E 152 -35.51 8.89 -6.09
N PHE E 153 -34.52 8.80 -6.95
CA PHE E 153 -34.10 7.53 -7.52
C PHE E 153 -33.83 6.43 -6.46
N VAL E 154 -33.24 6.80 -5.32
CA VAL E 154 -33.01 5.83 -4.25
C VAL E 154 -34.23 5.64 -3.37
N LEU E 155 -34.95 6.70 -3.01
CA LEU E 155 -36.13 6.55 -2.14
C LEU E 155 -37.26 5.74 -2.83
N GLU E 156 -37.41 5.88 -4.14
CA GLU E 156 -38.44 5.16 -4.91
C GLU E 156 -38.08 3.71 -5.27
N ASN E 157 -36.82 3.34 -5.08
CA ASN E 157 -36.37 2.00 -5.40
C ASN E 157 -35.70 1.38 -4.17
N PRO E 158 -36.46 1.22 -3.06
CA PRO E 158 -35.82 0.84 -1.78
C PRO E 158 -35.47 -0.65 -1.72
N ASP E 159 -36.18 -1.46 -2.50
CA ASP E 159 -35.97 -2.89 -2.46
C ASP E 159 -35.02 -3.36 -3.55
N PRO E 160 -33.85 -3.87 -3.15
CA PRO E 160 -32.95 -4.42 -4.15
C PRO E 160 -33.45 -5.76 -4.73
N ARG E 161 -34.37 -6.47 -4.07
CA ARG E 161 -34.87 -7.78 -4.57
C ARG E 161 -35.59 -7.68 -5.93
N VAL F 3 30.77 23.42 -16.27
CA VAL F 3 29.51 23.09 -15.54
C VAL F 3 28.62 22.19 -16.40
N GLN F 4 28.65 20.90 -16.10
CA GLN F 4 28.01 19.91 -16.93
C GLN F 4 26.76 19.33 -16.32
N VAL F 5 26.56 19.51 -15.00
CA VAL F 5 25.34 19.03 -14.35
C VAL F 5 24.57 20.17 -13.69
N GLY F 6 23.27 20.22 -13.93
CA GLY F 6 22.37 21.14 -13.20
C GLY F 6 21.64 20.38 -12.11
N VAL F 7 21.90 20.72 -10.87
CA VAL F 7 21.19 20.12 -9.73
C VAL F 7 20.16 21.16 -9.26
N ILE F 8 18.88 20.80 -9.32
CA ILE F 8 17.79 21.69 -8.98
C ILE F 8 16.78 20.99 -8.09
N GLY F 10 12.74 21.77 -5.83
CA GLY F 10 11.56 22.60 -5.65
C GLY F 10 11.60 23.60 -4.51
N SER F 11 12.31 23.30 -3.43
CA SER F 11 12.49 24.26 -2.37
C SER F 11 13.73 24.00 -1.56
N LYS F 12 14.08 24.98 -0.72
CA LYS F 12 15.19 24.84 0.21
C LYS F 12 14.99 23.69 1.16
N SER F 13 13.74 23.32 1.44
CA SER F 13 13.49 22.15 2.28
C SER F 13 14.06 20.86 1.67
N ASP F 14 14.32 20.83 0.38
CA ASP F 14 14.95 19.67 -0.26
C ASP F 14 16.48 19.61 -0.14
N TRP F 15 17.11 20.66 0.41
CA TRP F 15 18.57 20.74 0.39
C TRP F 15 19.23 19.65 1.23
N SER F 16 18.63 19.33 2.38
CA SER F 16 19.22 18.34 3.27
C SER F 16 19.40 17.00 2.52
N THR F 17 18.52 16.73 1.57
CA THR F 17 18.64 15.57 0.67
C THR F 17 19.58 15.85 -0.51
N LYS F 19 21.96 18.10 -1.03
CA LYS F 19 23.32 18.39 -0.67
C LYS F 19 24.20 17.17 -0.92
N GLU F 20 23.64 16.00 -0.67
CA GLU F 20 24.35 14.73 -0.82
C GLU F 20 24.72 14.41 -2.25
N CYS F 21 23.85 14.82 -3.19
CA CYS F 21 24.12 14.74 -4.60
C CYS F 21 25.33 15.59 -4.95
N CYS F 22 25.27 16.84 -4.51
CA CYS F 22 26.35 17.82 -4.71
C CYS F 22 27.68 17.36 -4.13
N ASP F 23 27.66 16.76 -2.93
CA ASP F 23 28.89 16.27 -2.32
C ASP F 23 29.58 15.22 -3.19
N ILE F 24 28.81 14.32 -3.79
CA ILE F 24 29.42 13.33 -4.66
C ILE F 24 30.00 13.98 -5.93
N LEU F 25 29.29 14.92 -6.54
CA LEU F 25 29.82 15.63 -7.74
C LEU F 25 31.17 16.30 -7.47
N ASP F 26 31.29 16.94 -6.29
CA ASP F 26 32.57 17.50 -5.83
C ASP F 26 33.67 16.46 -5.71
N ASN F 27 33.36 15.37 -5.04
CA ASN F 27 34.34 14.32 -4.86
C ASN F 27 34.80 13.78 -6.21
N LEU F 28 33.89 13.66 -7.19
CA LEU F 28 34.25 13.15 -8.52
C LEU F 28 34.82 14.20 -9.49
N GLY F 29 35.00 15.44 -9.01
CA GLY F 29 35.52 16.52 -9.85
C GLY F 29 34.61 16.92 -10.98
N ILE F 30 33.29 16.77 -10.79
CA ILE F 30 32.32 17.10 -11.84
C ILE F 30 31.79 18.51 -11.56
N GLY F 31 31.86 19.38 -12.57
CA GLY F 31 31.31 20.71 -12.49
C GLY F 31 29.79 20.75 -12.44
N TYR F 32 29.26 21.53 -11.53
CA TYR F 32 27.81 21.60 -11.43
C TYR F 32 27.36 22.96 -10.94
N GLU F 33 26.09 23.24 -11.13
CA GLU F 33 25.40 24.36 -10.52
C GLU F 33 24.25 23.77 -9.69
N CYS F 34 23.88 24.43 -8.60
CA CYS F 34 22.76 23.95 -7.79
C CYS F 34 21.82 25.13 -7.52
N GLU F 35 20.52 24.91 -7.68
CA GLU F 35 19.56 26.01 -7.67
C GLU F 35 18.16 25.57 -7.19
N VAL F 36 17.42 26.49 -6.57
CA VAL F 36 16.03 26.24 -6.19
C VAL F 36 15.20 26.70 -7.37
N VAL F 37 14.49 25.77 -7.98
CA VAL F 37 13.63 26.07 -9.11
C VAL F 37 12.34 25.33 -8.83
N SER F 38 11.28 26.08 -8.54
CA SER F 38 10.00 25.51 -8.14
C SER F 38 9.07 25.39 -9.34
N ALA F 39 8.56 24.19 -9.59
CA ALA F 39 7.66 23.97 -10.73
C ALA F 39 6.32 24.64 -10.51
N HIS F 40 5.91 24.74 -9.26
CA HIS F 40 4.61 25.28 -8.96
C HIS F 40 4.61 26.78 -8.69
N ARG F 41 5.68 27.29 -8.07
CA ARG F 41 5.78 28.69 -7.64
C ARG F 41 6.64 29.58 -8.55
N THR F 42 7.52 28.97 -9.35
CA THR F 42 8.30 29.68 -10.35
C THR F 42 8.22 28.95 -11.71
N PRO F 43 7.00 28.66 -12.20
CA PRO F 43 6.86 27.85 -13.41
C PRO F 43 7.55 28.39 -14.67
N ASP F 44 7.58 29.72 -14.82
CA ASP F 44 8.21 30.37 -15.98
C ASP F 44 9.72 30.21 -15.93
N LYS F 45 10.31 30.32 -14.75
CA LYS F 45 11.75 30.11 -14.59
C LYS F 45 12.10 28.64 -14.81
N PHE F 47 10.51 26.56 -16.87
CA PHE F 47 10.54 26.45 -18.35
C PHE F 47 11.81 27.03 -18.98
N ASP F 48 12.21 28.21 -18.56
CA ASP F 48 13.41 28.87 -19.10
C ASP F 48 14.64 28.04 -18.81
N TYR F 49 14.75 27.59 -17.57
CA TYR F 49 15.89 26.78 -17.15
C TYR F 49 16.04 25.56 -18.04
N ALA F 50 14.94 24.85 -18.23
CA ALA F 50 14.89 23.62 -19.01
C ALA F 50 15.15 23.91 -20.49
N GLU F 51 14.57 24.99 -21.03
CA GLU F 51 14.71 25.37 -22.44
C GLU F 51 16.17 25.66 -22.81
N THR F 52 16.92 26.27 -21.88
CA THR F 52 18.25 26.77 -22.16
C THR F 52 19.38 25.92 -21.59
N ALA F 53 19.07 24.83 -20.91
CA ALA F 53 20.13 24.03 -20.25
C ALA F 53 21.21 23.54 -21.25
N LYS F 54 20.75 22.98 -22.37
CA LYS F 54 21.66 22.43 -23.38
C LYS F 54 22.61 23.48 -24.00
N GLU F 55 22.05 24.63 -24.37
CA GLU F 55 22.90 25.68 -24.91
C GLU F 55 23.78 26.35 -23.84
N ARG F 56 23.39 26.25 -22.57
CA ARG F 56 24.28 26.68 -21.49
C ARG F 56 25.41 25.67 -21.26
N GLY F 57 25.33 24.52 -21.93
CA GLY F 57 26.39 23.53 -21.87
C GLY F 57 26.17 22.45 -20.85
N LEU F 58 25.00 22.42 -20.21
CA LEU F 58 24.63 21.33 -19.34
C LEU F 58 24.37 20.07 -20.19
N LYS F 59 24.78 18.93 -19.61
CA LYS F 59 24.68 17.62 -20.23
C LYS F 59 23.65 16.72 -19.53
N VAL F 60 23.42 16.92 -18.23
CA VAL F 60 22.45 16.18 -17.48
C VAL F 60 21.79 17.14 -16.46
N ILE F 61 20.51 16.92 -16.18
CA ILE F 61 19.85 17.66 -15.09
C ILE F 61 19.40 16.67 -14.04
N ILE F 62 19.74 16.96 -12.78
CA ILE F 62 19.25 16.18 -11.64
C ILE F 62 18.25 17.06 -10.89
N ALA F 63 17.05 16.55 -10.69
CA ALA F 63 15.94 17.35 -10.18
C ALA F 63 15.26 16.60 -9.04
N GLY F 64 15.19 17.25 -7.86
CA GLY F 64 14.51 16.67 -6.70
C GLY F 64 13.17 17.37 -6.39
N ALA F 65 12.21 16.61 -5.90
CA ALA F 65 10.93 17.17 -5.46
C ALA F 65 10.20 16.12 -4.64
N GLY F 66 9.36 16.56 -3.69
CA GLY F 66 8.49 15.67 -2.94
C GLY F 66 6.98 15.92 -3.14
N GLY F 67 6.17 15.09 -2.50
CA GLY F 67 4.72 15.23 -2.57
C GLY F 67 4.28 14.89 -3.99
N ALA F 68 3.37 15.71 -4.52
CA ALA F 68 3.08 15.77 -5.94
C ALA F 68 4.29 16.41 -6.65
N ALA F 69 5.28 15.57 -6.94
CA ALA F 69 6.60 15.95 -7.44
C ALA F 69 6.56 16.05 -8.97
N HIS F 70 6.42 17.28 -9.46
CA HIS F 70 6.25 17.54 -10.89
C HIS F 70 7.50 18.08 -11.55
N LEU F 71 8.46 18.55 -10.76
CA LEU F 71 9.65 19.23 -11.28
C LEU F 71 10.45 18.41 -12.27
N PRO F 72 10.80 17.14 -11.93
CA PRO F 72 11.55 16.37 -12.92
C PRO F 72 10.84 16.14 -14.24
N GLY F 73 9.57 15.74 -14.18
CA GLY F 73 8.80 15.46 -15.40
C GLY F 73 8.57 16.68 -16.27
N VAL F 75 10.48 19.40 -16.38
CA VAL F 75 11.79 19.71 -16.95
C VAL F 75 12.13 18.82 -18.15
N ALA F 76 11.82 17.53 -18.03
CA ALA F 76 12.03 16.57 -19.11
C ALA F 76 11.18 16.86 -20.35
N ALA F 77 10.00 17.45 -20.13
CA ALA F 77 9.07 17.85 -21.18
C ALA F 77 9.63 18.95 -22.09
N LYS F 78 10.55 19.73 -21.53
CA LYS F 78 11.08 20.96 -22.11
C LYS F 78 12.58 20.93 -22.44
N THR F 79 13.25 19.79 -22.23
CA THR F 79 14.63 19.62 -22.71
C THR F 79 14.80 18.23 -23.30
N THR F 80 15.68 18.06 -24.29
CA THR F 80 16.09 16.68 -24.68
C THR F 80 17.27 16.10 -23.89
N LEU F 81 17.88 16.87 -22.97
CA LEU F 81 18.93 16.35 -22.11
C LEU F 81 18.36 15.28 -21.19
N PRO F 82 19.18 14.28 -20.80
CA PRO F 82 18.69 13.33 -19.81
C PRO F 82 18.36 13.97 -18.45
N VAL F 83 17.19 13.64 -17.90
CA VAL F 83 16.78 14.20 -16.62
C VAL F 83 16.71 13.07 -15.59
N LEU F 84 17.35 13.29 -14.44
CA LEU F 84 17.38 12.32 -13.33
C LEU F 84 16.49 12.81 -12.19
N GLY F 85 15.53 11.99 -11.78
CA GLY F 85 14.54 12.36 -10.76
C GLY F 85 14.85 11.73 -9.41
N VAL F 86 14.92 12.56 -8.36
CA VAL F 86 15.14 12.11 -7.01
C VAL F 86 13.85 12.36 -6.21
N PRO F 87 13.18 11.29 -5.76
CA PRO F 87 12.04 11.52 -4.87
C PRO F 87 12.48 11.89 -3.45
N VAL F 88 12.06 13.07 -3.01
CA VAL F 88 12.39 13.57 -1.70
C VAL F 88 11.34 13.08 -0.74
N LYS F 89 11.82 12.63 0.41
CA LYS F 89 10.96 12.00 1.39
C LYS F 89 10.00 13.04 1.92
N SER F 90 8.73 12.76 1.66
CA SER F 90 7.61 13.47 2.21
C SER F 90 7.39 13.09 3.66
N SER F 91 7.00 14.07 4.47
CA SER F 91 6.72 13.81 5.87
C SER F 91 5.47 12.94 6.05
N THR F 92 4.44 13.15 5.22
CA THR F 92 3.24 12.37 5.42
C THR F 92 3.42 10.93 4.93
N LEU F 93 3.76 10.70 3.66
CA LEU F 93 3.72 9.35 3.08
C LEU F 93 5.10 8.70 2.80
N ASN F 94 6.13 9.17 3.49
CA ASN F 94 7.48 8.58 3.37
C ASN F 94 8.06 8.53 1.97
N GLY F 95 7.69 9.48 1.13
CA GLY F 95 8.16 9.52 -0.25
C GLY F 95 7.43 8.61 -1.25
N GLN F 96 6.36 7.94 -0.85
CA GLN F 96 5.60 7.07 -1.80
C GLN F 96 4.91 7.91 -2.87
N ASP F 97 4.34 9.04 -2.44
CA ASP F 97 3.80 10.03 -3.38
C ASP F 97 4.89 10.58 -4.32
N SER F 98 6.01 11.00 -3.75
CA SER F 98 7.14 11.52 -4.52
C SER F 98 7.58 10.51 -5.58
N LEU F 99 7.72 9.27 -5.15
CA LEU F 99 8.21 8.23 -6.04
C LEU F 99 7.25 7.98 -7.21
N LEU F 100 5.96 7.86 -6.93
CA LEU F 100 5.04 7.56 -8.03
C LEU F 100 4.85 8.75 -9.01
N SER F 101 4.84 9.95 -8.45
CA SER F 101 4.70 11.19 -9.21
C SER F 101 5.85 11.43 -10.20
N ILE F 102 7.00 10.86 -9.87
CA ILE F 102 8.20 10.93 -10.71
C ILE F 102 8.38 9.71 -11.65
N VAL F 103 8.25 8.48 -11.16
CA VAL F 103 8.64 7.30 -11.97
C VAL F 103 7.56 6.95 -13.02
N GLN F 104 6.28 7.16 -12.69
CA GLN F 104 5.18 6.68 -13.56
C GLN F 104 4.90 7.56 -14.82
N PRO F 106 4.31 8.38 -18.49
CA PRO F 106 3.86 7.53 -19.61
C PRO F 106 4.82 7.63 -20.81
N ALA F 107 4.62 6.76 -21.80
CA ALA F 107 5.54 6.69 -22.94
C ALA F 107 5.67 8.08 -23.56
N GLY F 108 6.92 8.53 -23.74
CA GLY F 108 7.21 9.69 -24.56
C GLY F 108 8.18 10.70 -24.00
N ILE F 109 8.15 10.88 -22.70
CA ILE F 109 9.02 11.81 -21.99
C ILE F 109 9.55 11.05 -20.76
N PRO F 110 10.80 10.58 -20.81
CA PRO F 110 11.28 9.76 -19.69
C PRO F 110 11.88 10.55 -18.54
N VAL F 111 11.77 10.04 -17.33
CA VAL F 111 12.60 10.52 -16.20
C VAL F 111 13.24 9.30 -15.58
N ALA F 112 14.56 9.35 -15.45
CA ALA F 112 15.31 8.31 -14.80
C ALA F 112 15.19 8.52 -13.32
N THR F 113 14.51 7.59 -12.64
CA THR F 113 14.20 7.73 -11.21
C THR F 113 15.07 6.82 -10.34
N PHE F 114 15.49 7.40 -9.22
CA PHE F 114 16.34 6.75 -8.22
C PHE F 114 15.61 6.64 -6.89
N ALA F 115 16.20 5.91 -5.96
CA ALA F 115 15.61 5.67 -4.63
C ALA F 115 15.12 6.95 -3.93
N ILE F 116 14.16 6.79 -3.04
CA ILE F 116 13.63 7.89 -2.21
C ILE F 116 14.75 8.39 -1.26
N GLY F 117 14.90 9.71 -1.20
CA GLY F 117 15.76 10.36 -0.25
C GLY F 117 17.24 10.38 -0.62
N ALA F 119 19.68 8.29 -0.57
CA ALA F 119 20.19 7.22 -1.40
C ALA F 119 20.05 7.54 -2.89
N GLY F 120 18.86 8.03 -3.28
CA GLY F 120 18.59 8.40 -4.70
C GLY F 120 19.39 9.64 -5.13
N ALA F 121 19.50 10.61 -4.23
CA ALA F 121 20.37 11.80 -4.44
C ALA F 121 21.82 11.43 -4.79
N LYS F 122 22.45 10.61 -3.93
CA LYS F 122 23.81 10.11 -4.20
C LYS F 122 23.88 9.35 -5.53
N ASN F 123 22.94 8.44 -5.71
CA ASN F 123 22.94 7.60 -6.88
C ASN F 123 22.72 8.39 -8.16
N ALA F 124 21.91 9.46 -8.11
CA ALA F 124 21.78 10.38 -9.24
C ALA F 124 23.13 11.02 -9.62
N ALA F 125 23.91 11.45 -8.63
CA ALA F 125 25.22 12.03 -8.91
C ALA F 125 26.14 11.00 -9.56
N LEU F 126 26.07 9.78 -9.03
CA LEU F 126 26.89 8.70 -9.52
C LEU F 126 26.44 8.25 -10.94
N PHE F 127 25.13 8.27 -11.21
CA PHE F 127 24.62 7.95 -12.57
C PHE F 127 25.01 9.02 -13.60
N ALA F 128 24.99 10.28 -13.19
CA ALA F 128 25.41 11.37 -14.06
C ALA F 128 26.90 11.16 -14.39
N ALA F 129 27.70 10.79 -13.39
CA ALA F 129 29.12 10.39 -13.62
C ALA F 129 29.26 9.33 -14.73
N SER F 130 28.40 8.32 -14.71
CA SER F 130 28.49 7.23 -15.68
C SER F 130 28.03 7.66 -17.10
N ILE F 131 27.16 8.66 -17.20
CA ILE F 131 26.89 9.29 -18.48
C ILE F 131 28.13 10.06 -18.95
N LEU F 132 28.75 10.81 -18.03
CA LEU F 132 29.81 11.77 -18.42
C LEU F 132 31.20 11.15 -18.59
N GLN F 133 31.43 9.99 -18.01
CA GLN F 133 32.73 9.36 -18.09
C GLN F 133 33.14 9.08 -19.54
N HIS F 134 32.14 8.85 -20.39
CA HIS F 134 32.33 8.41 -21.76
C HIS F 134 33.16 9.38 -22.61
N THR F 135 33.22 10.65 -22.18
CA THR F 135 33.93 11.67 -22.94
C THR F 135 34.95 12.47 -22.08
N ASP F 136 35.31 11.96 -20.90
CA ASP F 136 36.22 12.65 -20.01
C ASP F 136 36.87 11.63 -19.08
N ILE F 137 38.20 11.51 -19.18
CA ILE F 137 38.95 10.41 -18.54
C ILE F 137 39.25 10.70 -17.07
N ASN F 138 39.15 11.96 -16.68
CA ASN F 138 39.29 12.31 -15.27
C ASN F 138 38.08 11.83 -14.45
N ILE F 139 36.91 11.85 -15.07
CA ILE F 139 35.68 11.37 -14.45
C ILE F 139 35.70 9.84 -14.42
N ALA F 140 36.18 9.20 -15.49
CA ALA F 140 36.30 7.74 -15.54
C ALA F 140 37.23 7.27 -14.43
N LYS F 141 38.39 7.91 -14.32
CA LYS F 141 39.30 7.63 -13.22
C LYS F 141 38.61 7.79 -11.86
N ALA F 142 37.99 8.95 -11.66
CA ALA F 142 37.39 9.29 -10.36
C ALA F 142 36.25 8.34 -9.94
N LEU F 143 35.47 7.84 -10.91
CA LEU F 143 34.36 6.93 -10.65
C LEU F 143 34.89 5.53 -10.36
N ALA F 144 35.80 5.05 -11.22
CA ALA F 144 36.45 3.77 -11.02
C ALA F 144 36.96 3.72 -9.60
N GLU F 145 37.74 4.72 -9.24
CA GLU F 145 38.27 4.86 -7.88
C GLU F 145 37.18 4.91 -6.78
N PHE F 146 36.07 5.61 -7.04
CA PHE F 146 34.97 5.69 -6.07
C PHE F 146 34.45 4.30 -5.77
N ARG F 147 34.14 3.57 -6.84
CA ARG F 147 33.67 2.18 -6.76
C ARG F 147 34.73 1.26 -6.18
N ALA F 148 35.99 1.44 -6.59
CA ALA F 148 37.08 0.69 -6.00
C ALA F 148 37.09 0.86 -4.49
N GLU F 149 37.02 2.11 -4.02
CA GLU F 149 37.09 2.42 -2.57
C GLU F 149 35.87 1.90 -1.80
N GLN F 150 34.67 2.00 -2.38
CA GLN F 150 33.49 1.54 -1.62
C GLN F 150 33.61 0.01 -1.44
N THR F 151 34.10 -0.67 -2.48
CA THR F 151 34.34 -2.12 -2.43
C THR F 151 35.39 -2.49 -1.42
N ARG F 152 36.51 -1.77 -1.45
CA ARG F 152 37.61 -1.97 -0.49
C ARG F 152 37.10 -1.77 0.94
N PHE F 153 36.31 -0.71 1.14
CA PHE F 153 35.71 -0.41 2.45
C PHE F 153 34.98 -1.58 3.08
N VAL F 154 34.19 -2.28 2.28
CA VAL F 154 33.41 -3.41 2.77
C VAL F 154 34.30 -4.59 3.05
N LEU F 155 35.23 -4.86 2.13
CA LEU F 155 36.16 -5.99 2.31
C LEU F 155 37.11 -5.80 3.50
N GLU F 156 37.37 -4.55 3.89
CA GLU F 156 38.27 -4.29 5.03
C GLU F 156 37.64 -4.58 6.37
N ASN F 157 36.30 -4.56 6.41
CA ASN F 157 35.55 -4.73 7.64
C ASN F 157 34.56 -5.91 7.50
N PRO F 158 35.07 -7.16 7.55
CA PRO F 158 34.26 -8.33 7.20
C PRO F 158 33.46 -8.88 8.37
N ASP F 159 34.08 -9.00 9.55
CA ASP F 159 33.34 -9.45 10.71
C ASP F 159 32.82 -8.18 11.41
N PRO F 160 31.47 -7.99 11.45
CA PRO F 160 30.94 -6.80 12.11
C PRO F 160 31.05 -6.83 13.64
N ARG F 161 31.36 -7.97 14.25
CA ARG F 161 31.52 -8.03 15.69
C ARG F 161 32.73 -7.18 16.09
N SER G 2 25.62 0.43 -35.70
CA SER G 2 26.60 -0.13 -34.75
C SER G 2 25.90 -0.48 -33.42
N VAL G 3 26.38 -1.49 -32.71
CA VAL G 3 25.66 -2.01 -31.56
C VAL G 3 26.00 -1.27 -30.25
N GLN G 4 25.11 -0.37 -29.83
CA GLN G 4 25.40 0.54 -28.71
C GLN G 4 24.58 0.28 -27.44
N VAL G 5 23.48 -0.46 -27.56
CA VAL G 5 22.59 -0.69 -26.43
C VAL G 5 22.36 -2.18 -26.29
N GLY G 6 22.50 -2.68 -25.06
CA GLY G 6 22.21 -4.08 -24.73
C GLY G 6 20.85 -4.10 -24.05
N VAL G 7 19.90 -4.85 -24.60
CA VAL G 7 18.60 -4.99 -23.95
C VAL G 7 18.49 -6.44 -23.46
N ILE G 8 18.38 -6.57 -22.14
CA ILE G 8 18.32 -7.88 -21.53
C ILE G 8 17.07 -8.03 -20.68
N GLY G 10 14.91 -10.99 -17.87
CA GLY G 10 15.01 -12.16 -17.01
C GLY G 10 14.55 -13.46 -17.60
N SER G 11 13.44 -13.43 -18.34
CA SER G 11 12.92 -14.60 -18.99
C SER G 11 12.18 -14.23 -20.28
N LYS G 12 11.86 -15.25 -21.10
CA LYS G 12 11.11 -15.04 -22.37
C LYS G 12 9.74 -14.40 -22.18
N SER G 13 9.10 -14.69 -21.06
CA SER G 13 7.79 -14.10 -20.77
C SER G 13 7.86 -12.55 -20.78
N ASP G 14 8.96 -11.96 -20.32
CA ASP G 14 9.20 -10.49 -20.44
C ASP G 14 9.21 -9.82 -21.83
N TRP G 15 9.38 -10.61 -22.90
CA TRP G 15 9.49 -10.09 -24.28
C TRP G 15 8.32 -9.15 -24.64
N SER G 16 7.11 -9.49 -24.18
CA SER G 16 5.92 -8.76 -24.60
C SER G 16 5.99 -7.33 -24.06
N THR G 17 6.73 -7.13 -22.97
CA THR G 17 7.09 -5.79 -22.56
C THR G 17 8.33 -5.22 -23.27
N LYS G 19 9.96 -5.86 -26.01
CA LYS G 19 9.88 -5.59 -27.46
C LYS G 19 9.58 -4.12 -27.73
N GLU G 20 8.78 -3.49 -26.85
CA GLU G 20 8.35 -2.13 -27.08
C GLU G 20 9.53 -1.17 -26.89
N CYS G 21 10.51 -1.60 -26.09
CA CYS G 21 11.81 -0.97 -26.04
C CYS G 21 12.51 -1.13 -27.40
N CYS G 22 12.72 -2.37 -27.80
CA CYS G 22 13.43 -2.66 -29.04
C CYS G 22 12.84 -1.95 -30.25
N ASP G 23 11.50 -1.90 -30.35
CA ASP G 23 10.81 -1.20 -31.40
C ASP G 23 11.17 0.29 -31.52
N ILE G 24 11.30 0.96 -30.39
CA ILE G 24 11.66 2.37 -30.39
C ILE G 24 13.13 2.57 -30.80
N LEU G 25 14.03 1.75 -30.25
CA LEU G 25 15.44 1.77 -30.62
C LEU G 25 15.57 1.59 -32.12
N ASP G 26 14.78 0.68 -32.66
CA ASP G 26 14.75 0.48 -34.08
C ASP G 26 14.31 1.71 -34.82
N ASN G 27 13.21 2.32 -34.37
CA ASN G 27 12.73 3.53 -35.02
C ASN G 27 13.76 4.65 -34.99
N LEU G 28 14.51 4.78 -33.91
CA LEU G 28 15.53 5.83 -33.78
C LEU G 28 16.86 5.57 -34.48
N GLY G 29 16.98 4.44 -35.21
CA GLY G 29 18.24 4.05 -35.82
C GLY G 29 19.30 3.57 -34.84
N ILE G 30 18.92 3.16 -33.63
CA ILE G 30 19.92 2.77 -32.62
C ILE G 30 20.26 1.27 -32.73
N GLY G 31 21.53 0.94 -32.96
CA GLY G 31 21.99 -0.43 -32.86
C GLY G 31 21.92 -1.02 -31.46
N TYR G 32 21.39 -2.25 -31.39
CA TYR G 32 21.23 -2.94 -30.15
C TYR G 32 21.26 -4.45 -30.32
N GLU G 33 21.41 -5.15 -29.20
CA GLU G 33 21.26 -6.60 -29.14
C GLU G 33 20.27 -6.87 -28.03
N CYS G 34 19.59 -8.00 -28.12
CA CYS G 34 18.72 -8.42 -27.05
C CYS G 34 18.83 -9.92 -26.77
N GLU G 35 18.80 -10.20 -25.48
CA GLU G 35 19.24 -11.46 -24.96
C GLU G 35 18.37 -11.76 -23.74
N VAL G 36 18.13 -13.04 -23.46
CA VAL G 36 17.54 -13.42 -22.19
C VAL G 36 18.69 -13.78 -21.29
N VAL G 37 18.79 -13.04 -20.18
CA VAL G 37 19.84 -13.20 -19.17
C VAL G 37 19.14 -13.26 -17.80
N SER G 38 19.11 -14.41 -17.14
CA SER G 38 18.39 -14.53 -15.87
C SER G 38 19.35 -14.29 -14.72
N ALA G 39 18.99 -13.42 -13.80
CA ALA G 39 19.81 -13.16 -12.62
C ALA G 39 19.86 -14.39 -11.72
N HIS G 40 18.75 -15.11 -11.65
CA HIS G 40 18.64 -16.25 -10.72
C HIS G 40 18.99 -17.62 -11.30
N ARG G 41 18.62 -17.83 -12.55
CA ARG G 41 18.88 -19.06 -13.24
C ARG G 41 20.22 -19.08 -14.01
N THR G 42 20.68 -17.93 -14.52
CA THR G 42 22.01 -17.85 -15.20
C THR G 42 22.91 -16.76 -14.55
N PRO G 43 23.16 -16.90 -13.26
CA PRO G 43 23.94 -15.87 -12.59
C PRO G 43 25.36 -15.62 -13.16
N ASP G 44 26.05 -16.69 -13.60
CA ASP G 44 27.40 -16.55 -14.16
C ASP G 44 27.38 -15.84 -15.50
N LYS G 45 26.46 -16.24 -16.37
CA LYS G 45 26.24 -15.52 -17.61
C LYS G 45 25.93 -14.05 -17.39
N PHE G 47 26.84 -12.08 -14.83
CA PHE G 47 28.11 -11.37 -14.52
C PHE G 47 29.00 -11.20 -15.74
N ASP G 48 29.09 -12.22 -16.58
CA ASP G 48 29.95 -12.16 -17.73
C ASP G 48 29.44 -11.14 -18.74
N TYR G 49 28.13 -11.10 -18.95
CA TYR G 49 27.53 -10.06 -19.79
C TYR G 49 27.84 -8.65 -19.28
N ALA G 50 27.64 -8.44 -17.98
CA ALA G 50 27.87 -7.13 -17.39
C ALA G 50 29.31 -6.70 -17.55
N GLU G 51 30.22 -7.57 -17.13
CA GLU G 51 31.68 -7.33 -17.15
C GLU G 51 32.28 -6.96 -18.47
N THR G 52 31.77 -7.55 -19.54
CA THR G 52 32.33 -7.36 -20.87
C THR G 52 31.63 -6.32 -21.73
N ALA G 53 30.46 -5.87 -21.29
CA ALA G 53 29.65 -4.92 -22.06
C ALA G 53 30.43 -3.72 -22.61
N LYS G 54 31.12 -2.98 -21.74
CA LYS G 54 31.91 -1.83 -22.17
C LYS G 54 32.91 -2.25 -23.24
N GLU G 55 33.69 -3.29 -22.97
CA GLU G 55 34.73 -3.67 -23.97
C GLU G 55 34.14 -4.36 -25.23
N ARG G 56 32.84 -4.69 -25.23
CA ARG G 56 32.13 -5.10 -26.44
C ARG G 56 31.51 -3.91 -27.19
N GLY G 57 31.66 -2.72 -26.64
CA GLY G 57 31.23 -1.51 -27.34
C GLY G 57 29.85 -1.03 -26.96
N LEU G 58 29.18 -1.68 -26.03
CA LEU G 58 27.91 -1.18 -25.53
C LEU G 58 28.14 0.11 -24.73
N LYS G 59 27.18 1.02 -24.84
CA LYS G 59 27.17 2.29 -24.12
C LYS G 59 26.12 2.32 -22.99
N VAL G 60 25.02 1.61 -23.16
CA VAL G 60 23.94 1.58 -22.19
C VAL G 60 23.36 0.19 -22.15
N ILE G 61 22.93 -0.23 -20.96
CA ILE G 61 22.21 -1.49 -20.83
C ILE G 61 20.84 -1.18 -20.27
N ILE G 62 19.80 -1.73 -20.94
CA ILE G 62 18.43 -1.67 -20.48
C ILE G 62 18.07 -3.08 -20.01
N ALA G 63 17.68 -3.21 -18.74
CA ALA G 63 17.34 -4.52 -18.16
C ALA G 63 15.92 -4.52 -17.61
N GLY G 64 15.17 -5.56 -17.98
CA GLY G 64 13.80 -5.73 -17.55
C GLY G 64 13.63 -6.95 -16.67
N ALA G 65 12.91 -6.82 -15.57
CA ALA G 65 12.59 -7.98 -14.73
C ALA G 65 11.40 -7.72 -13.87
N GLY G 66 10.84 -8.78 -13.33
CA GLY G 66 9.62 -8.72 -12.52
C GLY G 66 9.73 -9.44 -11.18
N GLY G 67 8.74 -9.25 -10.33
CA GLY G 67 8.74 -9.86 -9.03
C GLY G 67 9.87 -9.29 -8.20
N ALA G 68 10.63 -10.21 -7.59
CA ALA G 68 11.88 -9.86 -6.92
C ALA G 68 12.89 -9.61 -8.04
N ALA G 69 12.88 -8.38 -8.53
CA ALA G 69 13.63 -8.01 -9.75
C ALA G 69 15.06 -7.55 -9.42
N HIS G 70 16.02 -8.46 -9.60
CA HIS G 70 17.41 -8.23 -9.24
C HIS G 70 18.33 -7.97 -10.44
N LEU G 71 17.87 -8.30 -11.65
CA LEU G 71 18.70 -8.27 -12.82
C LEU G 71 19.35 -6.88 -13.02
N PRO G 72 18.54 -5.80 -13.07
CA PRO G 72 19.16 -4.51 -13.35
C PRO G 72 20.22 -4.11 -12.28
N GLY G 73 19.91 -4.36 -11.03
CA GLY G 73 20.81 -3.97 -9.93
C GLY G 73 22.12 -4.76 -9.98
N VAL G 75 23.44 -6.29 -12.55
CA VAL G 75 24.20 -5.87 -13.72
C VAL G 75 24.97 -4.57 -13.45
N ALA G 76 24.29 -3.61 -12.84
CA ALA G 76 24.88 -2.33 -12.46
C ALA G 76 26.04 -2.49 -11.48
N ALA G 77 25.94 -3.51 -10.61
CA ALA G 77 27.03 -3.81 -9.70
C ALA G 77 28.31 -4.24 -10.42
N LYS G 78 28.20 -4.75 -11.66
CA LYS G 78 29.31 -5.37 -12.38
C LYS G 78 29.71 -4.66 -13.69
N THR G 79 29.10 -3.50 -13.96
CA THR G 79 29.55 -2.63 -15.03
C THR G 79 29.58 -1.18 -14.57
N THR G 80 30.45 -0.36 -15.17
CA THR G 80 30.39 1.10 -14.91
C THR G 80 29.51 1.81 -15.91
N LEU G 81 28.97 1.10 -16.89
CA LEU G 81 28.02 1.71 -17.85
C LEU G 81 26.72 2.09 -17.14
N PRO G 82 25.95 3.05 -17.72
CA PRO G 82 24.61 3.30 -17.18
C PRO G 82 23.69 2.13 -17.43
N VAL G 83 22.99 1.72 -16.38
CA VAL G 83 22.01 0.67 -16.45
C VAL G 83 20.63 1.31 -16.22
N LEU G 84 19.71 1.00 -17.12
CA LEU G 84 18.34 1.45 -17.05
C LEU G 84 17.44 0.27 -16.72
N GLY G 85 16.58 0.45 -15.72
CA GLY G 85 15.70 -0.63 -15.23
C GLY G 85 14.23 -0.45 -15.58
N VAL G 86 13.64 -1.52 -16.12
CA VAL G 86 12.24 -1.62 -16.51
C VAL G 86 11.54 -2.63 -15.61
N PRO G 87 10.66 -2.15 -14.70
CA PRO G 87 9.94 -3.07 -13.85
C PRO G 87 8.82 -3.70 -14.63
N VAL G 88 8.85 -5.00 -14.79
CA VAL G 88 7.87 -5.70 -15.61
C VAL G 88 6.65 -5.98 -14.75
N LYS G 89 5.47 -5.82 -15.36
CA LYS G 89 4.20 -5.98 -14.64
C LYS G 89 4.07 -7.42 -14.20
N SER G 90 4.07 -7.59 -12.87
CA SER G 90 3.90 -8.88 -12.22
C SER G 90 2.40 -9.20 -12.15
N SER G 91 2.07 -10.47 -12.30
CA SER G 91 0.69 -10.92 -12.40
C SER G 91 -0.03 -10.82 -11.06
N THR G 92 0.70 -10.86 -9.95
CA THR G 92 0.03 -10.85 -8.64
C THR G 92 -0.03 -9.43 -8.10
N LEU G 93 1.10 -8.72 -8.04
CA LEU G 93 1.13 -7.37 -7.40
C LEU G 93 1.22 -6.18 -8.41
N ASN G 94 0.92 -6.47 -9.68
CA ASN G 94 0.92 -5.46 -10.74
C ASN G 94 2.19 -4.59 -10.79
N GLY G 95 3.34 -5.22 -10.57
CA GLY G 95 4.62 -4.58 -10.67
C GLY G 95 5.08 -3.70 -9.52
N GLN G 96 4.37 -3.67 -8.37
CA GLN G 96 4.82 -2.91 -7.19
C GLN G 96 6.07 -3.50 -6.62
N ASP G 97 6.12 -4.84 -6.57
CA ASP G 97 7.34 -5.57 -6.21
C ASP G 97 8.47 -5.30 -7.21
N SER G 98 8.20 -5.43 -8.52
CA SER G 98 9.21 -5.08 -9.53
C SER G 98 9.81 -3.68 -9.30
N LEU G 99 8.95 -2.70 -9.10
CA LEU G 99 9.37 -1.31 -9.00
C LEU G 99 10.28 -1.08 -7.79
N LEU G 100 9.82 -1.51 -6.62
CA LEU G 100 10.64 -1.34 -5.40
C LEU G 100 11.95 -2.12 -5.42
N SER G 101 11.95 -3.29 -6.07
CA SER G 101 13.16 -4.16 -6.18
C SER G 101 14.23 -3.54 -7.05
N ILE G 102 13.81 -2.67 -7.95
CA ILE G 102 14.72 -1.98 -8.83
C ILE G 102 15.09 -0.59 -8.37
N VAL G 103 14.12 0.19 -7.95
CA VAL G 103 14.35 1.58 -7.75
C VAL G 103 15.07 1.87 -6.41
N GLN G 104 14.83 1.06 -5.37
CA GLN G 104 15.32 1.38 -4.01
C GLN G 104 16.80 1.00 -3.73
N PRO G 106 20.47 1.21 -2.61
CA PRO G 106 21.13 2.11 -1.68
C PRO G 106 22.29 2.78 -2.40
N ALA G 107 22.87 3.77 -1.75
CA ALA G 107 23.89 4.60 -2.35
C ALA G 107 25.08 3.73 -2.76
N GLY G 108 25.63 4.03 -3.94
CA GLY G 108 26.87 3.45 -4.38
C GLY G 108 26.76 2.82 -5.75
N ILE G 109 25.60 2.23 -6.02
CA ILE G 109 25.32 1.56 -7.29
C ILE G 109 23.93 1.96 -7.82
N PRO G 110 23.88 2.85 -8.82
CA PRO G 110 22.61 3.35 -9.32
C PRO G 110 21.93 2.48 -10.39
N VAL G 111 20.60 2.49 -10.43
CA VAL G 111 19.83 2.02 -11.56
C VAL G 111 18.78 3.09 -11.83
N ALA G 112 18.83 3.64 -13.04
CA ALA G 112 17.84 4.59 -13.51
C ALA G 112 16.55 3.81 -13.79
N THR G 113 15.49 4.12 -13.07
CA THR G 113 14.27 3.35 -13.11
C THR G 113 13.16 4.12 -13.81
N PHE G 114 12.38 3.40 -14.60
CA PHE G 114 11.29 3.95 -15.38
C PHE G 114 9.95 3.28 -15.03
N ALA G 115 8.88 3.71 -15.70
CA ALA G 115 7.55 3.30 -15.24
C ALA G 115 7.35 1.79 -15.33
N ILE G 116 6.43 1.26 -14.52
CA ILE G 116 6.02 -0.14 -14.61
C ILE G 116 5.44 -0.43 -15.99
N GLY G 117 5.96 -1.51 -16.56
CA GLY G 117 5.45 -2.05 -17.79
C GLY G 117 5.90 -1.35 -19.05
N ALA G 119 5.17 1.27 -20.64
CA ALA G 119 5.48 2.69 -20.68
C ALA G 119 6.95 2.89 -20.35
N GLY G 120 7.44 2.20 -19.34
CA GLY G 120 8.85 2.33 -18.92
C GLY G 120 9.80 1.64 -19.91
N ALA G 121 9.35 0.55 -20.51
CA ALA G 121 10.13 -0.06 -21.59
C ALA G 121 10.37 0.96 -22.71
N LYS G 122 9.30 1.65 -23.14
CA LYS G 122 9.40 2.66 -24.20
C LYS G 122 10.31 3.81 -23.75
N ASN G 123 10.09 4.27 -22.53
CA ASN G 123 10.88 5.38 -21.99
C ASN G 123 12.34 5.06 -21.75
N ALA G 124 12.63 3.83 -21.41
CA ALA G 124 14.04 3.41 -21.28
C ALA G 124 14.78 3.60 -22.62
N ALA G 125 14.13 3.21 -23.72
CA ALA G 125 14.72 3.38 -25.02
C ALA G 125 14.98 4.84 -25.40
N LEU G 126 14.01 5.70 -25.08
CA LEU G 126 14.08 7.11 -25.41
C LEU G 126 15.14 7.75 -24.50
N PHE G 127 15.27 7.28 -23.27
CA PHE G 127 16.30 7.83 -22.36
C PHE G 127 17.67 7.39 -22.86
N ALA G 128 17.80 6.13 -23.24
CA ALA G 128 19.04 5.66 -23.91
C ALA G 128 19.42 6.54 -25.13
N ALA G 129 18.44 6.93 -25.93
CA ALA G 129 18.72 7.83 -27.04
C ALA G 129 19.20 9.17 -26.49
N SER G 130 18.60 9.68 -25.42
CA SER G 130 19.05 10.97 -24.93
C SER G 130 20.50 10.88 -24.35
N ILE G 131 20.95 9.68 -23.97
CA ILE G 131 22.38 9.49 -23.62
C ILE G 131 23.26 9.47 -24.87
N LEU G 132 22.83 8.74 -25.89
CA LEU G 132 23.68 8.53 -27.05
C LEU G 132 23.73 9.72 -27.98
N GLN G 133 22.77 10.64 -27.86
CA GLN G 133 22.67 11.78 -28.76
C GLN G 133 23.86 12.73 -28.68
N HIS G 134 24.44 12.90 -27.49
CA HIS G 134 25.56 13.83 -27.27
C HIS G 134 26.73 13.41 -28.16
N THR G 135 26.79 12.12 -28.44
CA THR G 135 27.90 11.53 -29.14
C THR G 135 27.54 11.16 -30.60
N ASP G 136 26.26 11.21 -30.99
CA ASP G 136 25.81 10.67 -32.29
C ASP G 136 24.77 11.56 -33.02
N ILE G 137 25.18 12.23 -34.08
CA ILE G 137 24.30 13.18 -34.79
C ILE G 137 22.95 12.61 -35.29
N ASN G 138 22.96 11.42 -35.89
CA ASN G 138 21.71 10.87 -36.46
C ASN G 138 20.70 10.49 -35.38
N ILE G 139 21.21 9.98 -34.26
CA ILE G 139 20.40 9.65 -33.10
C ILE G 139 19.86 10.94 -32.46
N ALA G 140 20.71 11.97 -32.32
CA ALA G 140 20.25 13.33 -31.91
C ALA G 140 19.11 13.84 -32.79
N LYS G 141 19.28 13.73 -34.09
CA LYS G 141 18.24 14.09 -35.03
C LYS G 141 16.98 13.25 -34.85
N ALA G 142 17.12 11.93 -34.80
CA ALA G 142 15.97 11.03 -34.73
C ALA G 142 15.13 11.29 -33.49
N LEU G 143 15.81 11.64 -32.38
CA LEU G 143 15.11 11.91 -31.09
C LEU G 143 14.37 13.23 -31.18
N ALA G 144 15.00 14.22 -31.83
CA ALA G 144 14.38 15.53 -32.05
C ALA G 144 13.09 15.38 -32.85
N GLU G 145 13.15 14.60 -33.92
CA GLU G 145 11.99 14.32 -34.77
C GLU G 145 10.83 13.53 -34.08
N PHE G 146 11.18 12.55 -33.26
CA PHE G 146 10.24 11.83 -32.39
C PHE G 146 9.47 12.79 -31.49
N ARG G 147 10.21 13.62 -30.75
CA ARG G 147 9.57 14.58 -29.89
C ARG G 147 8.71 15.55 -30.70
N ALA G 148 9.22 16.03 -31.83
CA ALA G 148 8.45 16.99 -32.65
C ALA G 148 7.16 16.35 -33.14
N GLU G 149 7.24 15.10 -33.61
CA GLU G 149 6.05 14.38 -34.10
C GLU G 149 5.04 14.02 -32.97
N GLN G 150 5.50 13.57 -31.81
CA GLN G 150 4.54 13.31 -30.69
C GLN G 150 3.80 14.60 -30.27
N THR G 151 4.50 15.75 -30.36
CA THR G 151 3.92 17.04 -30.06
C THR G 151 2.88 17.45 -31.11
N ARG G 152 3.23 17.31 -32.39
CA ARG G 152 2.29 17.48 -33.47
C ARG G 152 1.08 16.59 -33.38
N PHE G 153 1.27 15.33 -33.02
CA PHE G 153 0.13 14.42 -32.98
C PHE G 153 -0.99 14.91 -32.01
N VAL G 154 -0.60 15.55 -30.90
CA VAL G 154 -1.55 16.07 -29.90
C VAL G 154 -2.09 17.45 -30.32
N LEU G 155 -1.25 18.28 -30.92
CA LEU G 155 -1.70 19.55 -31.48
C LEU G 155 -2.70 19.36 -32.62
N GLU G 156 -2.62 18.24 -33.34
CA GLU G 156 -3.49 17.99 -34.51
C GLU G 156 -4.84 17.38 -34.17
N ASN G 157 -4.97 16.87 -32.96
CA ASN G 157 -6.13 16.11 -32.51
C ASN G 157 -6.61 16.64 -31.15
N PRO G 158 -7.12 17.89 -31.14
CA PRO G 158 -7.48 18.52 -29.88
C PRO G 158 -8.86 18.06 -29.35
N ASP G 159 -9.78 17.69 -30.24
CA ASP G 159 -11.13 17.29 -29.88
C ASP G 159 -11.19 15.77 -29.58
N PRO G 160 -11.46 15.40 -28.32
CA PRO G 160 -11.48 13.98 -27.96
C PRO G 160 -12.76 13.22 -28.38
N SER H 2 8.42 -43.39 0.68
CA SER H 2 8.35 -42.87 2.07
C SER H 2 7.94 -41.39 2.11
N VAL H 3 6.92 -41.10 2.92
CA VAL H 3 6.28 -39.83 2.96
C VAL H 3 7.04 -38.90 3.93
N GLN H 4 7.76 -37.95 3.35
CA GLN H 4 8.64 -37.07 4.12
C GLN H 4 8.11 -35.62 4.22
N VAL H 5 7.21 -35.25 3.33
CA VAL H 5 6.70 -33.89 3.25
C VAL H 5 5.18 -33.97 3.30
N GLY H 6 4.57 -33.16 4.16
CA GLY H 6 3.11 -33.04 4.25
C GLY H 6 2.73 -31.74 3.63
N VAL H 7 1.92 -31.80 2.56
CA VAL H 7 1.40 -30.63 1.87
C VAL H 7 -0.07 -30.39 2.21
N ILE H 8 -0.34 -29.32 2.93
CA ILE H 8 -1.68 -29.08 3.43
C ILE H 8 -2.17 -27.74 2.92
N GLY H 10 -5.80 -24.84 3.21
CA GLY H 10 -6.95 -24.44 3.98
C GLY H 10 -8.26 -24.82 3.38
N SER H 11 -8.31 -24.93 2.06
CA SER H 11 -9.52 -25.32 1.35
C SER H 11 -9.22 -25.85 -0.04
N LYS H 12 -10.22 -26.45 -0.67
CA LYS H 12 -10.08 -26.99 -2.03
C LYS H 12 -9.75 -25.91 -3.05
N SER H 13 -10.24 -24.70 -2.84
CA SER H 13 -9.95 -23.60 -3.78
C SER H 13 -8.43 -23.25 -3.81
N ASP H 14 -7.62 -23.82 -2.89
CA ASP H 14 -6.16 -23.69 -2.96
C ASP H 14 -5.45 -24.72 -3.88
N TRP H 15 -6.15 -25.76 -4.28
CA TRP H 15 -5.52 -26.86 -5.06
C TRP H 15 -4.82 -26.35 -6.35
N SER H 16 -5.42 -25.39 -7.04
CA SER H 16 -4.82 -24.93 -8.30
C SER H 16 -3.42 -24.33 -8.09
N THR H 17 -3.17 -23.83 -6.87
CA THR H 17 -1.85 -23.35 -6.46
C THR H 17 -0.97 -24.49 -5.93
N LYS H 19 -1.18 -27.76 -6.19
CA LYS H 19 -0.86 -28.82 -7.10
C LYS H 19 0.57 -28.62 -7.66
N GLU H 20 1.00 -27.35 -7.80
CA GLU H 20 2.27 -27.07 -8.45
C GLU H 20 3.44 -27.44 -7.52
N CYS H 21 3.16 -27.39 -6.23
CA CYS H 21 4.11 -27.83 -5.24
C CYS H 21 4.30 -29.36 -5.32
N CYS H 22 3.17 -30.09 -5.29
CA CYS H 22 3.21 -31.55 -5.37
C CYS H 22 3.87 -32.08 -6.66
N ASP H 23 3.59 -31.46 -7.80
CA ASP H 23 4.20 -31.82 -9.10
C ASP H 23 5.71 -31.82 -8.98
N ILE H 24 6.25 -30.76 -8.37
CA ILE H 24 7.68 -30.68 -8.22
C ILE H 24 8.21 -31.76 -7.28
N LEU H 25 7.51 -32.04 -6.17
CA LEU H 25 7.94 -33.12 -5.28
C LEU H 25 7.97 -34.44 -6.01
N ASP H 26 6.94 -34.71 -6.80
CA ASP H 26 6.93 -35.88 -7.69
C ASP H 26 8.12 -35.93 -8.65
N ASN H 27 8.40 -34.83 -9.32
CA ASN H 27 9.53 -34.82 -10.27
C ASN H 27 10.85 -35.07 -9.56
N LEU H 28 10.97 -34.63 -8.31
CA LEU H 28 12.19 -34.88 -7.52
C LEU H 28 12.25 -36.24 -6.79
N GLY H 29 11.24 -37.08 -6.95
CA GLY H 29 11.18 -38.37 -6.24
C GLY H 29 11.09 -38.24 -4.72
N ILE H 30 10.48 -37.17 -4.23
CA ILE H 30 10.27 -36.98 -2.80
C ILE H 30 8.86 -37.47 -2.43
N GLY H 31 8.79 -38.34 -1.43
CA GLY H 31 7.50 -38.79 -0.92
C GLY H 31 6.75 -37.67 -0.19
N TYR H 32 5.45 -37.60 -0.44
CA TYR H 32 4.60 -36.61 0.19
C TYR H 32 3.14 -37.07 0.29
N GLU H 33 2.38 -36.36 1.12
CA GLU H 33 0.93 -36.51 1.18
C GLU H 33 0.34 -35.11 1.02
N CYS H 34 -0.82 -35.01 0.36
CA CYS H 34 -1.54 -33.74 0.18
C CYS H 34 -2.90 -33.86 0.85
N GLU H 35 -3.22 -32.87 1.68
CA GLU H 35 -4.43 -32.93 2.49
C GLU H 35 -5.07 -31.56 2.62
N VAL H 36 -6.39 -31.51 2.63
CA VAL H 36 -7.12 -30.27 3.01
C VAL H 36 -7.34 -30.29 4.53
N VAL H 37 -6.70 -29.33 5.21
CA VAL H 37 -6.76 -29.10 6.67
C VAL H 37 -7.09 -27.61 6.89
N SER H 38 -8.30 -27.28 7.35
CA SER H 38 -8.71 -25.87 7.58
C SER H 38 -8.43 -25.44 9.00
N ALA H 39 -7.62 -24.40 9.18
CA ALA H 39 -7.35 -23.81 10.51
C ALA H 39 -8.63 -23.29 11.16
N HIS H 40 -9.55 -22.74 10.35
CA HIS H 40 -10.76 -22.19 10.93
C HIS H 40 -11.97 -23.15 10.96
N ARG H 41 -12.12 -24.06 10.00
CA ARG H 41 -13.27 -24.96 9.98
C ARG H 41 -12.95 -26.33 10.60
N THR H 42 -11.68 -26.73 10.61
CA THR H 42 -11.28 -28.02 11.24
C THR H 42 -10.09 -27.80 12.18
N PRO H 43 -10.27 -26.91 13.17
CA PRO H 43 -9.16 -26.57 14.04
C PRO H 43 -8.59 -27.78 14.82
N ASP H 44 -9.45 -28.69 15.24
CA ASP H 44 -8.98 -29.85 16.02
C ASP H 44 -8.14 -30.76 15.11
N LYS H 45 -8.62 -30.98 13.89
CA LYS H 45 -7.90 -31.83 12.94
C LYS H 45 -6.55 -31.18 12.66
N PHE H 47 -4.73 -29.17 14.74
CA PHE H 47 -3.85 -29.47 15.89
C PHE H 47 -3.33 -30.92 15.83
N ASP H 48 -4.22 -31.86 15.60
CA ASP H 48 -3.78 -33.26 15.53
C ASP H 48 -2.79 -33.53 14.41
N TYR H 49 -3.04 -32.97 13.24
CA TYR H 49 -2.13 -33.13 12.13
C TYR H 49 -0.73 -32.59 12.53
N ALA H 50 -0.65 -31.39 13.09
CA ALA H 50 0.65 -30.83 13.49
C ALA H 50 1.29 -31.66 14.61
N GLU H 51 0.48 -32.04 15.60
CA GLU H 51 0.96 -32.84 16.74
C GLU H 51 1.62 -34.13 16.34
N THR H 52 1.01 -34.85 15.39
CA THR H 52 1.46 -36.19 15.09
C THR H 52 2.45 -36.23 13.92
N ALA H 53 2.68 -35.09 13.29
CA ALA H 53 3.52 -35.01 12.10
C ALA H 53 4.85 -35.75 12.19
N LYS H 54 5.62 -35.41 13.22
CA LYS H 54 6.93 -35.99 13.41
C LYS H 54 6.87 -37.51 13.61
N GLU H 55 5.95 -37.99 14.43
CA GLU H 55 5.88 -39.41 14.67
C GLU H 55 5.34 -40.19 13.46
N ARG H 56 4.60 -39.53 12.56
CA ARG H 56 4.18 -40.23 11.33
C ARG H 56 5.29 -40.22 10.26
N GLY H 57 6.46 -39.67 10.57
CA GLY H 57 7.59 -39.67 9.64
C GLY H 57 7.85 -38.38 8.87
N LEU H 58 6.97 -37.39 8.99
CA LEU H 58 7.16 -36.16 8.23
C LEU H 58 8.40 -35.42 8.74
N LYS H 59 9.13 -34.81 7.79
CA LYS H 59 10.30 -33.97 8.08
C LYS H 59 10.05 -32.48 7.81
N VAL H 60 9.13 -32.17 6.88
CA VAL H 60 8.75 -30.81 6.55
C VAL H 60 7.25 -30.75 6.26
N ILE H 61 6.61 -29.65 6.67
CA ILE H 61 5.23 -29.35 6.30
C ILE H 61 5.17 -28.06 5.46
N ILE H 62 4.47 -28.16 4.34
CA ILE H 62 4.18 -27.04 3.42
C ILE H 62 2.68 -26.78 3.50
N ALA H 63 2.36 -25.57 3.99
CA ALA H 63 0.99 -25.14 4.22
C ALA H 63 0.69 -23.91 3.36
N GLY H 64 -0.43 -23.97 2.66
CA GLY H 64 -0.91 -22.88 1.81
C GLY H 64 -2.22 -22.37 2.38
N ALA H 65 -2.39 -21.05 2.39
CA ALA H 65 -3.68 -20.46 2.75
C ALA H 65 -3.73 -19.02 2.25
N GLY H 66 -4.93 -18.46 2.22
CA GLY H 66 -5.17 -17.11 1.70
C GLY H 66 -6.04 -16.28 2.63
N GLY H 67 -6.16 -15.00 2.32
CA GLY H 67 -6.87 -14.07 3.18
C GLY H 67 -6.16 -13.86 4.49
N ALA H 68 -6.92 -13.93 5.58
CA ALA H 68 -6.38 -14.06 6.91
C ALA H 68 -5.84 -15.49 7.03
N ALA H 69 -4.59 -15.66 6.60
CA ALA H 69 -3.99 -16.97 6.42
C ALA H 69 -3.28 -17.37 7.71
N HIS H 70 -3.92 -18.23 8.49
CA HIS H 70 -3.45 -18.62 9.83
C HIS H 70 -2.87 -20.05 9.85
N LEU H 71 -3.17 -20.85 8.82
CA LEU H 71 -2.80 -22.25 8.83
C LEU H 71 -1.28 -22.48 9.06
N PRO H 72 -0.42 -21.85 8.22
CA PRO H 72 0.99 -22.09 8.34
C PRO H 72 1.50 -21.76 9.73
N GLY H 73 1.12 -20.62 10.28
CA GLY H 73 1.60 -20.20 11.61
C GLY H 73 1.11 -21.08 12.75
N VAL H 75 0.14 -24.33 12.58
CA VAL H 75 0.85 -25.59 12.46
C VAL H 75 2.27 -25.44 13.04
N ALA H 76 2.96 -24.35 12.71
CA ALA H 76 4.30 -24.14 13.29
C ALA H 76 4.27 -24.01 14.80
N ALA H 77 3.19 -23.48 15.38
CA ALA H 77 3.07 -23.38 16.87
C ALA H 77 2.92 -24.74 17.58
N LYS H 78 2.54 -25.76 16.82
CA LYS H 78 2.18 -27.10 17.33
C LYS H 78 3.05 -28.28 16.81
N THR H 79 4.08 -27.98 16.02
CA THR H 79 5.10 -28.98 15.65
C THR H 79 6.48 -28.33 15.79
N THR H 80 7.52 -29.14 16.06
CA THR H 80 8.90 -28.65 15.99
C THR H 80 9.50 -28.74 14.59
N LEU H 81 8.77 -29.34 13.66
CA LEU H 81 9.25 -29.48 12.29
C LEU H 81 9.30 -28.12 11.60
N PRO H 82 10.18 -27.99 10.58
CA PRO H 82 10.11 -26.84 9.69
C PRO H 82 8.78 -26.74 8.95
N VAL H 83 8.19 -25.55 8.98
CA VAL H 83 6.94 -25.30 8.26
C VAL H 83 7.16 -24.28 7.15
N LEU H 84 6.75 -24.61 5.91
CA LEU H 84 6.86 -23.67 4.84
C LEU H 84 5.49 -23.09 4.48
N GLY H 85 5.44 -21.77 4.34
CA GLY H 85 4.16 -21.05 4.16
C GLY H 85 4.02 -20.52 2.75
N VAL H 86 2.94 -20.89 2.08
CA VAL H 86 2.63 -20.40 0.74
C VAL H 86 1.42 -19.44 0.81
N PRO H 87 1.63 -18.14 0.54
CA PRO H 87 0.50 -17.21 0.39
C PRO H 87 -0.31 -17.46 -0.89
N VAL H 88 -1.58 -17.81 -0.70
CA VAL H 88 -2.46 -18.07 -1.83
C VAL H 88 -3.06 -16.75 -2.25
N LYS H 89 -3.11 -16.53 -3.55
CA LYS H 89 -3.62 -15.30 -4.08
C LYS H 89 -5.09 -15.23 -3.77
N SER H 90 -5.46 -14.10 -3.17
CA SER H 90 -6.83 -13.78 -2.74
C SER H 90 -7.44 -12.89 -3.81
N SER H 91 -8.73 -13.07 -4.06
CA SER H 91 -9.38 -12.32 -5.16
C SER H 91 -9.41 -10.81 -4.88
N THR H 92 -9.61 -10.42 -3.63
CA THR H 92 -9.78 -9.00 -3.34
C THR H 92 -8.43 -8.28 -3.32
N LEU H 93 -7.46 -8.77 -2.55
CA LEU H 93 -6.20 -8.05 -2.30
C LEU H 93 -4.92 -8.67 -2.95
N ASN H 94 -5.14 -9.49 -3.97
CA ASN H 94 -4.05 -10.07 -4.73
C ASN H 94 -2.97 -10.75 -3.88
N GLY H 95 -3.38 -11.38 -2.78
CA GLY H 95 -2.47 -12.07 -1.88
C GLY H 95 -1.66 -11.20 -0.89
N GLN H 96 -1.93 -9.91 -0.87
CA GLN H 96 -1.23 -9.01 0.07
C GLN H 96 -1.61 -9.35 1.50
N ASP H 97 -2.90 -9.59 1.74
CA ASP H 97 -3.33 -10.15 3.03
C ASP H 97 -2.69 -11.50 3.36
N SER H 98 -2.76 -12.44 2.41
CA SER H 98 -2.12 -13.75 2.57
C SER H 98 -0.67 -13.64 2.99
N LEU H 99 0.09 -12.81 2.28
CA LEU H 99 1.53 -12.63 2.59
C LEU H 99 1.81 -12.11 3.99
N LEU H 100 1.17 -11.01 4.37
CA LEU H 100 1.42 -10.38 5.65
C LEU H 100 1.00 -11.30 6.79
N SER H 101 -0.09 -12.04 6.58
CA SER H 101 -0.66 -12.97 7.59
C SER H 101 0.25 -14.17 7.88
N ILE H 102 1.11 -14.48 6.93
CA ILE H 102 2.02 -15.60 7.04
C ILE H 102 3.40 -15.14 7.44
N VAL H 103 3.93 -14.11 6.78
CA VAL H 103 5.34 -13.79 6.93
C VAL H 103 5.65 -13.03 8.24
N GLN H 104 4.71 -12.22 8.72
CA GLN H 104 4.96 -11.33 9.86
C GLN H 104 4.83 -11.99 11.23
N PRO H 106 5.73 -13.03 14.78
CA PRO H 106 6.60 -12.52 15.82
C PRO H 106 7.68 -13.54 16.21
N ALA H 107 8.75 -13.08 16.87
CA ALA H 107 9.87 -13.93 17.33
C ALA H 107 9.32 -15.09 18.16
N GLY H 108 9.85 -16.30 17.95
CA GLY H 108 9.52 -17.47 18.78
C GLY H 108 9.01 -18.67 18.00
N ILE H 109 8.25 -18.41 16.96
CA ILE H 109 7.64 -19.43 16.12
C ILE H 109 7.76 -19.01 14.65
N PRO H 110 8.75 -19.53 13.93
CA PRO H 110 8.97 -19.15 12.54
C PRO H 110 8.08 -19.86 11.52
N VAL H 111 7.76 -19.16 10.43
CA VAL H 111 7.25 -19.77 9.21
C VAL H 111 8.09 -19.25 8.04
N ALA H 112 8.73 -20.16 7.31
CA ALA H 112 9.46 -19.79 6.11
C ALA H 112 8.47 -19.51 5.02
N THR H 113 8.45 -18.26 4.58
CA THR H 113 7.49 -17.77 3.62
C THR H 113 8.05 -17.60 2.22
N PHE H 114 7.27 -18.05 1.25
CA PHE H 114 7.64 -17.90 -0.14
C PHE H 114 6.67 -16.99 -0.92
N ALA H 115 6.95 -16.79 -2.21
CA ALA H 115 6.16 -15.86 -3.00
C ALA H 115 4.68 -16.18 -3.04
N ILE H 116 3.90 -15.14 -3.26
CA ILE H 116 2.48 -15.29 -3.38
C ILE H 116 2.18 -16.17 -4.58
N GLY H 117 1.41 -17.21 -4.37
CA GLY H 117 0.87 -17.93 -5.49
C GLY H 117 1.74 -19.08 -5.96
N ALA H 119 4.31 -19.46 -7.83
CA ALA H 119 5.75 -19.31 -7.73
C ALA H 119 6.23 -19.78 -6.39
N GLY H 120 5.52 -19.33 -5.34
CA GLY H 120 5.77 -19.75 -3.95
C GLY H 120 5.50 -21.20 -3.67
N ALA H 121 4.43 -21.74 -4.25
CA ALA H 121 4.14 -23.19 -4.14
C ALA H 121 5.29 -24.07 -4.70
N LYS H 122 5.73 -23.72 -5.90
CA LYS H 122 6.87 -24.39 -6.53
C LYS H 122 8.13 -24.26 -5.68
N ASN H 123 8.43 -23.05 -5.24
CA ASN H 123 9.63 -22.80 -4.45
C ASN H 123 9.59 -23.44 -3.06
N ALA H 124 8.40 -23.58 -2.47
CA ALA H 124 8.23 -24.38 -1.25
C ALA H 124 8.77 -25.79 -1.45
N ALA H 125 8.34 -26.41 -2.55
CA ALA H 125 8.75 -27.76 -2.87
C ALA H 125 10.24 -27.85 -3.02
N LEU H 126 10.78 -26.90 -3.77
CA LEU H 126 12.19 -26.88 -4.10
C LEU H 126 13.02 -26.56 -2.84
N PHE H 127 12.50 -25.75 -1.94
CA PHE H 127 13.17 -25.50 -0.65
C PHE H 127 13.15 -26.72 0.27
N ALA H 128 12.06 -27.47 0.23
CA ALA H 128 11.92 -28.72 1.00
C ALA H 128 12.96 -29.74 0.56
N ALA H 129 13.12 -29.86 -0.76
CA ALA H 129 14.17 -30.67 -1.33
C ALA H 129 15.57 -30.25 -0.86
N SER H 130 15.82 -28.96 -0.67
CA SER H 130 17.12 -28.51 -0.17
C SER H 130 17.31 -28.85 1.30
N ILE H 131 16.22 -28.87 2.08
CA ILE H 131 16.28 -29.42 3.45
C ILE H 131 16.64 -30.91 3.41
N LEU H 132 16.00 -31.66 2.53
CA LEU H 132 16.12 -33.11 2.56
C LEU H 132 17.30 -33.69 1.74
N GLN H 133 18.01 -32.89 0.97
CA GLN H 133 18.98 -33.45 0.01
C GLN H 133 20.15 -34.13 0.71
N HIS H 134 20.58 -33.54 1.82
CA HIS H 134 21.57 -34.07 2.75
C HIS H 134 21.26 -35.55 3.08
N THR H 135 19.97 -35.85 3.09
CA THR H 135 19.45 -37.13 3.53
C THR H 135 19.57 -38.24 2.47
N ASP H 136 19.37 -37.92 1.20
CA ASP H 136 19.30 -38.94 0.15
C ASP H 136 20.04 -38.39 -1.05
N ILE H 137 21.05 -39.14 -1.51
CA ILE H 137 21.89 -38.71 -2.63
C ILE H 137 21.06 -38.62 -3.92
N ASN H 138 20.00 -39.43 -4.02
CA ASN H 138 19.05 -39.33 -5.12
C ASN H 138 18.28 -38.00 -5.12
N ILE H 139 17.91 -37.50 -3.96
CA ILE H 139 17.24 -36.23 -3.90
C ILE H 139 18.21 -35.10 -4.27
N ALA H 140 19.46 -35.16 -3.80
CA ALA H 140 20.47 -34.15 -4.17
C ALA H 140 20.72 -34.16 -5.67
N LYS H 141 20.85 -35.35 -6.25
CA LYS H 141 20.97 -35.50 -7.70
C LYS H 141 19.79 -34.85 -8.42
N ALA H 142 18.57 -35.17 -8.01
CA ALA H 142 17.37 -34.61 -8.68
C ALA H 142 17.21 -33.08 -8.57
N LEU H 143 17.55 -32.52 -7.41
CA LEU H 143 17.54 -31.07 -7.28
C LEU H 143 18.64 -30.45 -8.18
N ALA H 144 19.85 -31.04 -8.19
CA ALA H 144 20.95 -30.49 -9.00
C ALA H 144 20.54 -30.50 -10.48
N GLU H 145 19.88 -31.57 -10.89
CA GLU H 145 19.37 -31.70 -12.25
C GLU H 145 18.25 -30.72 -12.58
N PHE H 146 17.33 -30.49 -11.64
CA PHE H 146 16.28 -29.50 -11.83
C PHE H 146 16.88 -28.12 -12.15
N ARG H 147 17.88 -27.73 -11.40
CA ARG H 147 18.49 -26.45 -11.58
C ARG H 147 19.19 -26.37 -12.92
N ALA H 148 19.95 -27.41 -13.23
CA ALA H 148 20.65 -27.48 -14.51
C ALA H 148 19.72 -27.33 -15.64
N GLU H 149 18.59 -27.98 -15.56
CA GLU H 149 17.64 -27.90 -16.60
C GLU H 149 17.11 -26.47 -16.75
N GLN H 150 16.79 -25.79 -15.66
CA GLN H 150 16.25 -24.44 -15.79
C GLN H 150 17.28 -23.47 -16.34
N THR H 151 18.52 -23.70 -16.01
CA THR H 151 19.62 -22.87 -16.49
C THR H 151 19.82 -23.09 -17.98
N ARG H 152 19.84 -24.35 -18.39
CA ARG H 152 19.99 -24.73 -19.79
C ARG H 152 18.93 -24.09 -20.68
N PHE H 153 17.67 -24.12 -20.24
CA PHE H 153 16.60 -23.49 -21.00
C PHE H 153 16.87 -22.00 -21.28
N VAL H 154 17.45 -21.28 -20.33
CA VAL H 154 17.84 -19.90 -20.61
C VAL H 154 19.11 -19.83 -21.47
N LEU H 155 20.15 -20.58 -21.10
CA LEU H 155 21.43 -20.50 -21.90
C LEU H 155 21.30 -20.95 -23.37
N GLU H 156 20.37 -21.86 -23.65
CA GLU H 156 20.18 -22.36 -25.01
C GLU H 156 19.14 -21.59 -25.83
N ASN H 157 18.38 -20.71 -25.19
CA ASN H 157 17.36 -19.92 -25.85
C ASN H 157 17.48 -18.41 -25.58
N PRO H 158 18.64 -17.81 -25.90
CA PRO H 158 18.96 -16.40 -25.58
C PRO H 158 18.15 -15.34 -26.35
N ASP H 159 17.84 -15.61 -27.62
CA ASP H 159 17.12 -14.65 -28.43
C ASP H 159 15.61 -14.86 -28.19
N PRO H 160 14.93 -13.88 -27.55
CA PRO H 160 13.49 -14.08 -27.37
C PRO H 160 12.67 -13.87 -28.65
N ARG H 161 13.29 -13.38 -29.72
CA ARG H 161 12.62 -13.20 -31.02
C ARG H 161 12.49 -14.52 -31.79
N GLU H 162 11.56 -14.54 -32.74
CA GLU H 162 11.17 -15.78 -33.43
C GLU H 162 10.78 -15.50 -34.88
#